data_1ESR
# 
_entry.id   1ESR 
# 
_audit_conform.dict_name       mmcif_pdbx.dic 
_audit_conform.dict_version    5.399 
_audit_conform.dict_location   http://mmcif.pdb.org/dictionaries/ascii/mmcif_pdbx.dic 
# 
loop_
_database_2.database_id 
_database_2.database_code 
_database_2.pdbx_database_accession 
_database_2.pdbx_DOI 
PDB   1ESR         pdb_00001esr 10.2210/pdb1esr/pdb 
RCSB  RCSB010861   ?            ?                   
WWPDB D_1000010861 ?            ?                   
# 
loop_
_pdbx_audit_revision_history.ordinal 
_pdbx_audit_revision_history.data_content_type 
_pdbx_audit_revision_history.major_revision 
_pdbx_audit_revision_history.minor_revision 
_pdbx_audit_revision_history.revision_date 
1 'Structure model' 1 0 2000-12-06 
2 'Structure model' 1 1 2008-04-27 
3 'Structure model' 1 2 2011-07-13 
4 'Structure model' 2 0 2019-12-25 
5 'Structure model' 2 1 2021-11-03 
6 'Structure model' 2 2 2023-08-09 
7 'Structure model' 2 3 2023-08-30 
8 'Structure model' 2 4 2024-11-20 
# 
_pdbx_audit_revision_details.ordinal             1 
_pdbx_audit_revision_details.revision_ordinal    1 
_pdbx_audit_revision_details.data_content_type   'Structure model' 
_pdbx_audit_revision_details.provider            repository 
_pdbx_audit_revision_details.type                'Initial release' 
_pdbx_audit_revision_details.description         ? 
_pdbx_audit_revision_details.details             ? 
# 
loop_
_pdbx_audit_revision_group.ordinal 
_pdbx_audit_revision_group.revision_ordinal 
_pdbx_audit_revision_group.data_content_type 
_pdbx_audit_revision_group.group 
1  2 'Structure model' 'Version format compliance' 
2  3 'Structure model' 'Version format compliance' 
3  4 'Structure model' 'Database references'       
4  4 'Structure model' 'Derived calculations'      
5  4 'Structure model' 'Polymer sequence'          
6  5 'Structure model' 'Database references'       
7  6 'Structure model' 'Data collection'           
8  6 'Structure model' 'Refinement description'    
9  7 'Structure model' 'Database references'       
10 7 'Structure model' 'Structure summary'         
11 8 'Structure model' 'Structure summary'         
# 
loop_
_pdbx_audit_revision_category.ordinal 
_pdbx_audit_revision_category.revision_ordinal 
_pdbx_audit_revision_category.data_content_type 
_pdbx_audit_revision_category.category 
1  4 'Structure model' entity_poly                   
2  4 'Structure model' pdbx_struct_mod_residue       
3  4 'Structure model' struct_conn                   
4  4 'Structure model' struct_ref_seq_dif            
5  5 'Structure model' database_2                    
6  5 'Structure model' struct_ref_seq_dif            
7  6 'Structure model' chem_comp_atom                
8  6 'Structure model' chem_comp_bond                
9  6 'Structure model' pdbx_initial_refinement_model 
10 7 'Structure model' audit_author                  
11 7 'Structure model' citation_author               
12 8 'Structure model' pdbx_entry_details            
13 8 'Structure model' pdbx_modification_feature     
# 
loop_
_pdbx_audit_revision_item.ordinal 
_pdbx_audit_revision_item.revision_ordinal 
_pdbx_audit_revision_item.data_content_type 
_pdbx_audit_revision_item.item 
1 4 'Structure model' '_entity_poly.pdbx_seq_one_letter_code_can' 
2 4 'Structure model' '_pdbx_struct_mod_residue.parent_comp_id'   
3 4 'Structure model' '_struct_conn.pdbx_leaving_atom_flag'       
4 5 'Structure model' '_database_2.pdbx_DOI'                      
5 5 'Structure model' '_database_2.pdbx_database_accession'       
6 5 'Structure model' '_struct_ref_seq_dif.details'               
7 7 'Structure model' '_audit_author.identifier_ORCID'            
8 7 'Structure model' '_citation_author.identifier_ORCID'         
# 
_pdbx_database_status.status_code                     REL 
_pdbx_database_status.entry_id                        1ESR 
_pdbx_database_status.recvd_initial_deposition_date   2000-04-10 
_pdbx_database_status.deposit_site                    RCSB 
_pdbx_database_status.process_site                    RCSB 
_pdbx_database_status.status_code_sf                  REL 
_pdbx_database_status.SG_entry                        . 
_pdbx_database_status.pdb_format_compatible           Y 
_pdbx_database_status.status_code_mr                  ? 
_pdbx_database_status.status_code_cs                  ? 
_pdbx_database_status.methods_development_category    ? 
_pdbx_database_status.status_code_nmr_data            ? 
# 
loop_
_pdbx_database_related.db_name 
_pdbx_database_related.db_id 
_pdbx_database_related.details 
_pdbx_database_related.content_type 
PDB 1DOK '1DOK is the crystal structure of human MCP-1, P-form'       unspecified 
PDB 1DOL '1DOL is the crystal structure of human MCP-1, I-form'       unspecified 
PDB 1DOM '1DOM is the NMR minimized average structure of human MCP-1' unspecified 
PDB 1BO0 '1BO0 is the NMR minimized average structure of human MCP-3' unspecified 
# 
loop_
_audit_author.name 
_audit_author.pdbx_ordinal 
_audit_author.identifier_ORCID 
'Blaszczyk, J.' 1 ?                   
'Ji, X.'        2 0000-0001-6942-1514 
# 
_citation.id                        primary 
_citation.title                     
'Complete crystal structure of monocyte chemotactic protein-2, a CC chemokine that interacts with multiple receptors.' 
_citation.journal_abbrev            Biochemistry 
_citation.journal_volume            39 
_citation.page_first                14075 
_citation.page_last                 14081 
_citation.year                      2000 
_citation.journal_id_ASTM           BICHAW 
_citation.country                   US 
_citation.journal_id_ISSN           0006-2960 
_citation.journal_id_CSD            0033 
_citation.book_publisher            ? 
_citation.pdbx_database_id_PubMed   11087354 
_citation.pdbx_database_id_DOI      10.1021/bi0009340 
# 
loop_
_citation_author.citation_id 
_citation_author.name 
_citation_author.ordinal 
_citation_author.identifier_ORCID 
primary 'Blaszczyk, J.'  1 ?                   
primary 'Coillie, E.V.'  2 ?                   
primary 'Proost, P.'     3 ?                   
primary 'Damme, J.V.'    4 ?                   
primary 'Opdenakker, G.' 5 ?                   
primary 'Bujacz, G.D.'   6 ?                   
primary 'Wang, J.M.'     7 ?                   
primary 'Ji, X.'         8 0000-0001-6942-1514 
# 
loop_
_entity.id 
_entity.type 
_entity.src_method 
_entity.pdbx_description 
_entity.formula_weight 
_entity.pdbx_number_of_molecules 
_entity.pdbx_ec 
_entity.pdbx_mutation 
_entity.pdbx_fragment 
_entity.details 
1 polymer man 'MONOCYTE CHEMOTACTIC PROTEIN 2' 8911.384 1  ? 'Q24(PCA) AND K69Q' ? ? 
2 water   nat water                            18.015   89 ? ?                   ? ? 
# 
_entity_name_com.entity_id   1 
_entity_name_com.name        MCP-2 
# 
_entity_poly.entity_id                      1 
_entity_poly.type                           'polypeptide(L)' 
_entity_poly.nstd_linkage                   no 
_entity_poly.nstd_monomer                   yes 
_entity_poly.pdbx_seq_one_letter_code       '(PCA)PDSVSIPITCCFNVINRKIPIQRLESYTRITNIQCPKEAVIFKTQRGKEVCADPKERWVRDSMKHLDQIFQNLKP' 
_entity_poly.pdbx_seq_one_letter_code_can   QPDSVSIPITCCFNVINRKIPIQRLESYTRITNIQCPKEAVIFKTQRGKEVCADPKERWVRDSMKHLDQIFQNLKP 
_entity_poly.pdbx_strand_id                 A 
_entity_poly.pdbx_target_identifier         ? 
# 
_pdbx_entity_nonpoly.entity_id   2 
_pdbx_entity_nonpoly.name        water 
_pdbx_entity_nonpoly.comp_id     HOH 
# 
loop_
_entity_poly_seq.entity_id 
_entity_poly_seq.num 
_entity_poly_seq.mon_id 
_entity_poly_seq.hetero 
1 1  PCA n 
1 2  PRO n 
1 3  ASP n 
1 4  SER n 
1 5  VAL n 
1 6  SER n 
1 7  ILE n 
1 8  PRO n 
1 9  ILE n 
1 10 THR n 
1 11 CYS n 
1 12 CYS n 
1 13 PHE n 
1 14 ASN n 
1 15 VAL n 
1 16 ILE n 
1 17 ASN n 
1 18 ARG n 
1 19 LYS n 
1 20 ILE n 
1 21 PRO n 
1 22 ILE n 
1 23 GLN n 
1 24 ARG n 
1 25 LEU n 
1 26 GLU n 
1 27 SER n 
1 28 TYR n 
1 29 THR n 
1 30 ARG n 
1 31 ILE n 
1 32 THR n 
1 33 ASN n 
1 34 ILE n 
1 35 GLN n 
1 36 CYS n 
1 37 PRO n 
1 38 LYS n 
1 39 GLU n 
1 40 ALA n 
1 41 VAL n 
1 42 ILE n 
1 43 PHE n 
1 44 LYS n 
1 45 THR n 
1 46 GLN n 
1 47 ARG n 
1 48 GLY n 
1 49 LYS n 
1 50 GLU n 
1 51 VAL n 
1 52 CYS n 
1 53 ALA n 
1 54 ASP n 
1 55 PRO n 
1 56 LYS n 
1 57 GLU n 
1 58 ARG n 
1 59 TRP n 
1 60 VAL n 
1 61 ARG n 
1 62 ASP n 
1 63 SER n 
1 64 MET n 
1 65 LYS n 
1 66 HIS n 
1 67 LEU n 
1 68 ASP n 
1 69 GLN n 
1 70 ILE n 
1 71 PHE n 
1 72 GLN n 
1 73 ASN n 
1 74 LEU n 
1 75 LYS n 
1 76 PRO n 
# 
_entity_src_gen.entity_id                          1 
_entity_src_gen.pdbx_src_id                        1 
_entity_src_gen.pdbx_alt_source_flag               sample 
_entity_src_gen.pdbx_seq_type                      ? 
_entity_src_gen.pdbx_beg_seq_num                   ? 
_entity_src_gen.pdbx_end_seq_num                   ? 
_entity_src_gen.gene_src_common_name               human 
_entity_src_gen.gene_src_genus                     Homo 
_entity_src_gen.pdbx_gene_src_gene                 ? 
_entity_src_gen.gene_src_species                   ? 
_entity_src_gen.gene_src_strain                    ? 
_entity_src_gen.gene_src_tissue                    ? 
_entity_src_gen.gene_src_tissue_fraction           ? 
_entity_src_gen.gene_src_details                   ? 
_entity_src_gen.pdbx_gene_src_fragment             ? 
_entity_src_gen.pdbx_gene_src_scientific_name      'Homo sapiens' 
_entity_src_gen.pdbx_gene_src_ncbi_taxonomy_id     9606 
_entity_src_gen.pdbx_gene_src_variant              ? 
_entity_src_gen.pdbx_gene_src_cell_line            ? 
_entity_src_gen.pdbx_gene_src_atcc                 ? 
_entity_src_gen.pdbx_gene_src_organ                ? 
_entity_src_gen.pdbx_gene_src_organelle            ? 
_entity_src_gen.pdbx_gene_src_cell                 ? 
_entity_src_gen.pdbx_gene_src_cellular_location    ? 
_entity_src_gen.host_org_common_name               ? 
_entity_src_gen.pdbx_host_org_scientific_name      'Escherichia coli' 
_entity_src_gen.pdbx_host_org_ncbi_taxonomy_id     562 
_entity_src_gen.host_org_genus                     Escherichia 
_entity_src_gen.pdbx_host_org_gene                 ? 
_entity_src_gen.pdbx_host_org_organ                ? 
_entity_src_gen.host_org_species                   ? 
_entity_src_gen.pdbx_host_org_tissue               ? 
_entity_src_gen.pdbx_host_org_tissue_fraction      ? 
_entity_src_gen.pdbx_host_org_strain               JM83 
_entity_src_gen.pdbx_host_org_variant              ? 
_entity_src_gen.pdbx_host_org_cell_line            ? 
_entity_src_gen.pdbx_host_org_atcc                 ? 
_entity_src_gen.pdbx_host_org_culture_collection   ? 
_entity_src_gen.pdbx_host_org_cell                 ? 
_entity_src_gen.pdbx_host_org_organelle            ? 
_entity_src_gen.pdbx_host_org_cellular_location    ? 
_entity_src_gen.pdbx_host_org_vector_type          PLASMID 
_entity_src_gen.pdbx_host_org_vector               ? 
_entity_src_gen.host_org_details                   ? 
_entity_src_gen.expression_system_id               ? 
_entity_src_gen.plasmid_name                       PHEN1 
_entity_src_gen.plasmid_details                    ? 
_entity_src_gen.pdbx_description                   ? 
# 
loop_
_chem_comp.id 
_chem_comp.type 
_chem_comp.mon_nstd_flag 
_chem_comp.name 
_chem_comp.pdbx_synonyms 
_chem_comp.formula 
_chem_comp.formula_weight 
ALA 'L-peptide linking' y ALANINE             ? 'C3 H7 N O2'     89.093  
ARG 'L-peptide linking' y ARGININE            ? 'C6 H15 N4 O2 1' 175.209 
ASN 'L-peptide linking' y ASPARAGINE          ? 'C4 H8 N2 O3'    132.118 
ASP 'L-peptide linking' y 'ASPARTIC ACID'     ? 'C4 H7 N O4'     133.103 
CYS 'L-peptide linking' y CYSTEINE            ? 'C3 H7 N O2 S'   121.158 
GLN 'L-peptide linking' y GLUTAMINE           ? 'C5 H10 N2 O3'   146.144 
GLU 'L-peptide linking' y 'GLUTAMIC ACID'     ? 'C5 H9 N O4'     147.129 
GLY 'peptide linking'   y GLYCINE             ? 'C2 H5 N O2'     75.067  
HIS 'L-peptide linking' y HISTIDINE           ? 'C6 H10 N3 O2 1' 156.162 
HOH non-polymer         . WATER               ? 'H2 O'           18.015  
ILE 'L-peptide linking' y ISOLEUCINE          ? 'C6 H13 N O2'    131.173 
LEU 'L-peptide linking' y LEUCINE             ? 'C6 H13 N O2'    131.173 
LYS 'L-peptide linking' y LYSINE              ? 'C6 H15 N2 O2 1' 147.195 
MET 'L-peptide linking' y METHIONINE          ? 'C5 H11 N O2 S'  149.211 
PCA 'L-peptide linking' n 'PYROGLUTAMIC ACID' ? 'C5 H7 N O3'     129.114 
PHE 'L-peptide linking' y PHENYLALANINE       ? 'C9 H11 N O2'    165.189 
PRO 'L-peptide linking' y PROLINE             ? 'C5 H9 N O2'     115.130 
SER 'L-peptide linking' y SERINE              ? 'C3 H7 N O3'     105.093 
THR 'L-peptide linking' y THREONINE           ? 'C4 H9 N O3'     119.119 
TRP 'L-peptide linking' y TRYPTOPHAN          ? 'C11 H12 N2 O2'  204.225 
TYR 'L-peptide linking' y TYROSINE            ? 'C9 H11 N O3'    181.189 
VAL 'L-peptide linking' y VALINE              ? 'C5 H11 N O2'    117.146 
# 
loop_
_pdbx_poly_seq_scheme.asym_id 
_pdbx_poly_seq_scheme.entity_id 
_pdbx_poly_seq_scheme.seq_id 
_pdbx_poly_seq_scheme.mon_id 
_pdbx_poly_seq_scheme.ndb_seq_num 
_pdbx_poly_seq_scheme.pdb_seq_num 
_pdbx_poly_seq_scheme.auth_seq_num 
_pdbx_poly_seq_scheme.pdb_mon_id 
_pdbx_poly_seq_scheme.auth_mon_id 
_pdbx_poly_seq_scheme.pdb_strand_id 
_pdbx_poly_seq_scheme.pdb_ins_code 
_pdbx_poly_seq_scheme.hetero 
A 1 1  PCA 1  1  1  PCA PCA A . n 
A 1 2  PRO 2  2  2  PRO PRO A . n 
A 1 3  ASP 3  3  3  ASP ASP A . n 
A 1 4  SER 4  4  4  SER SER A . n 
A 1 5  VAL 5  5  5  VAL VAL A . n 
A 1 6  SER 6  6  6  SER SER A . n 
A 1 7  ILE 7  7  7  ILE ILE A . n 
A 1 8  PRO 8  8  8  PRO PRO A . n 
A 1 9  ILE 9  9  9  ILE ILE A . n 
A 1 10 THR 10 10 10 THR THR A . n 
A 1 11 CYS 11 11 11 CYS CYS A . n 
A 1 12 CYS 12 12 12 CYS CYS A . n 
A 1 13 PHE 13 13 13 PHE PHE A . n 
A 1 14 ASN 14 14 14 ASN ASN A . n 
A 1 15 VAL 15 15 15 VAL VAL A . n 
A 1 16 ILE 16 16 16 ILE ILE A . n 
A 1 17 ASN 17 17 17 ASN ASN A . n 
A 1 18 ARG 18 18 18 ARG ARG A . n 
A 1 19 LYS 19 19 19 LYS LYS A . n 
A 1 20 ILE 20 20 20 ILE ILE A . n 
A 1 21 PRO 21 21 21 PRO PRO A . n 
A 1 22 ILE 22 22 22 ILE ILE A . n 
A 1 23 GLN 23 23 23 GLN GLN A . n 
A 1 24 ARG 24 24 24 ARG ARG A . n 
A 1 25 LEU 25 25 25 LEU LEU A . n 
A 1 26 GLU 26 26 26 GLU GLU A . n 
A 1 27 SER 27 27 27 SER SER A . n 
A 1 28 TYR 28 28 28 TYR TYR A . n 
A 1 29 THR 29 29 29 THR THR A . n 
A 1 30 ARG 30 30 30 ARG ARG A . n 
A 1 31 ILE 31 31 31 ILE ILE A . n 
A 1 32 THR 32 32 32 THR THR A . n 
A 1 33 ASN 33 33 33 ASN ASN A . n 
A 1 34 ILE 34 34 34 ILE ILE A . n 
A 1 35 GLN 35 35 35 GLN GLN A . n 
A 1 36 CYS 36 36 36 CYS CYS A . n 
A 1 37 PRO 37 37 37 PRO PRO A . n 
A 1 38 LYS 38 38 38 LYS LYS A . n 
A 1 39 GLU 39 39 39 GLU GLU A . n 
A 1 40 ALA 40 40 40 ALA ALA A . n 
A 1 41 VAL 41 41 41 VAL VAL A . n 
A 1 42 ILE 42 42 42 ILE ILE A . n 
A 1 43 PHE 43 43 43 PHE PHE A . n 
A 1 44 LYS 44 44 44 LYS LYS A . n 
A 1 45 THR 45 45 45 THR THR A . n 
A 1 46 GLN 46 46 46 GLN GLN A . n 
A 1 47 ARG 47 47 47 ARG ARG A . n 
A 1 48 GLY 48 48 48 GLY GLY A . n 
A 1 49 LYS 49 49 49 LYS LYS A . n 
A 1 50 GLU 50 50 50 GLU GLU A . n 
A 1 51 VAL 51 51 51 VAL VAL A . n 
A 1 52 CYS 52 52 52 CYS CYS A . n 
A 1 53 ALA 53 53 53 ALA ALA A . n 
A 1 54 ASP 54 54 54 ASP ASP A . n 
A 1 55 PRO 55 55 55 PRO PRO A . n 
A 1 56 LYS 56 56 56 LYS LYS A . n 
A 1 57 GLU 57 57 57 GLU GLU A . n 
A 1 58 ARG 58 58 58 ARG ARG A . n 
A 1 59 TRP 59 59 59 TRP TRP A . n 
A 1 60 VAL 60 60 60 VAL VAL A . n 
A 1 61 ARG 61 61 61 ARG ARG A . n 
A 1 62 ASP 62 62 62 ASP ASP A . n 
A 1 63 SER 63 63 63 SER SER A . n 
A 1 64 MET 64 64 64 MET MET A . n 
A 1 65 LYS 65 65 65 LYS LYS A . n 
A 1 66 HIS 66 66 66 HIS HIS A . n 
A 1 67 LEU 67 67 67 LEU LEU A . n 
A 1 68 ASP 68 68 68 ASP ASP A . n 
A 1 69 GLN 69 69 69 GLN GLN A . n 
A 1 70 ILE 70 70 70 ILE ILE A . n 
A 1 71 PHE 71 71 71 PHE PHE A . n 
A 1 72 GLN 72 72 72 GLN GLN A . n 
A 1 73 ASN 73 73 73 ASN ASN A . n 
A 1 74 LEU 74 74 74 LEU LEU A . n 
A 1 75 LYS 75 75 75 LYS LYS A . n 
A 1 76 PRO 76 76 76 PRO PRO A . n 
# 
loop_
_pdbx_nonpoly_scheme.asym_id 
_pdbx_nonpoly_scheme.entity_id 
_pdbx_nonpoly_scheme.mon_id 
_pdbx_nonpoly_scheme.ndb_seq_num 
_pdbx_nonpoly_scheme.pdb_seq_num 
_pdbx_nonpoly_scheme.auth_seq_num 
_pdbx_nonpoly_scheme.pdb_mon_id 
_pdbx_nonpoly_scheme.auth_mon_id 
_pdbx_nonpoly_scheme.pdb_strand_id 
_pdbx_nonpoly_scheme.pdb_ins_code 
B 2 HOH 1  101 101 HOH HOH A . 
B 2 HOH 2  102 102 HOH HOH A . 
B 2 HOH 3  103 103 HOH HOH A . 
B 2 HOH 4  104 104 HOH HOH A . 
B 2 HOH 5  105 105 HOH HOH A . 
B 2 HOH 6  106 106 HOH HOH A . 
B 2 HOH 7  107 107 HOH HOH A . 
B 2 HOH 8  108 108 HOH HOH A . 
B 2 HOH 9  109 109 HOH HOH A . 
B 2 HOH 10 110 110 HOH HOH A . 
B 2 HOH 11 111 111 HOH HOH A . 
B 2 HOH 12 112 112 HOH HOH A . 
B 2 HOH 13 113 113 HOH HOH A . 
B 2 HOH 14 114 114 HOH HOH A . 
B 2 HOH 15 115 115 HOH HOH A . 
B 2 HOH 16 116 116 HOH HOH A . 
B 2 HOH 17 117 117 HOH HOH A . 
B 2 HOH 18 118 118 HOH HOH A . 
B 2 HOH 19 119 119 HOH HOH A . 
B 2 HOH 20 120 120 HOH HOH A . 
B 2 HOH 21 121 121 HOH HOH A . 
B 2 HOH 22 122 122 HOH HOH A . 
B 2 HOH 23 123 123 HOH HOH A . 
B 2 HOH 24 124 124 HOH HOH A . 
B 2 HOH 25 125 125 HOH HOH A . 
B 2 HOH 26 126 126 HOH HOH A . 
B 2 HOH 27 127 127 HOH HOH A . 
B 2 HOH 28 128 128 HOH HOH A . 
B 2 HOH 29 129 129 HOH HOH A . 
B 2 HOH 30 130 130 HOH HOH A . 
B 2 HOH 31 131 131 HOH HOH A . 
B 2 HOH 32 132 132 HOH HOH A . 
B 2 HOH 33 133 133 HOH HOH A . 
B 2 HOH 34 134 134 HOH HOH A . 
B 2 HOH 35 135 135 HOH HOH A . 
B 2 HOH 36 136 136 HOH HOH A . 
B 2 HOH 37 137 137 HOH HOH A . 
B 2 HOH 38 138 138 HOH HOH A . 
B 2 HOH 39 139 139 HOH HOH A . 
B 2 HOH 40 140 140 HOH HOH A . 
B 2 HOH 41 141 141 HOH HOH A . 
B 2 HOH 42 142 142 HOH HOH A . 
B 2 HOH 43 143 143 HOH HOH A . 
B 2 HOH 44 144 144 HOH HOH A . 
B 2 HOH 45 145 145 HOH HOH A . 
B 2 HOH 46 146 146 HOH HOH A . 
B 2 HOH 47 147 147 HOH HOH A . 
B 2 HOH 48 148 148 HOH HOH A . 
B 2 HOH 49 149 149 HOH HOH A . 
B 2 HOH 50 150 150 HOH HOH A . 
B 2 HOH 51 151 151 HOH HOH A . 
B 2 HOH 52 152 152 HOH HOH A . 
B 2 HOH 53 153 153 HOH HOH A . 
B 2 HOH 54 154 154 HOH HOH A . 
B 2 HOH 55 155 155 HOH HOH A . 
B 2 HOH 56 156 156 HOH HOH A . 
B 2 HOH 57 157 157 HOH HOH A . 
B 2 HOH 58 158 158 HOH HOH A . 
B 2 HOH 59 159 159 HOH HOH A . 
B 2 HOH 60 160 160 HOH HOH A . 
B 2 HOH 61 161 161 HOH HOH A . 
B 2 HOH 62 162 162 HOH HOH A . 
B 2 HOH 63 163 163 HOH HOH A . 
B 2 HOH 64 164 164 HOH HOH A . 
B 2 HOH 65 165 165 HOH HOH A . 
B 2 HOH 66 166 166 HOH HOH A . 
B 2 HOH 67 167 167 HOH HOH A . 
B 2 HOH 68 168 168 HOH HOH A . 
B 2 HOH 69 169 169 HOH HOH A . 
B 2 HOH 70 170 170 HOH HOH A . 
B 2 HOH 71 171 171 HOH HOH A . 
B 2 HOH 72 172 172 HOH HOH A . 
B 2 HOH 73 173 173 HOH HOH A . 
B 2 HOH 74 174 174 HOH HOH A . 
B 2 HOH 75 175 175 HOH HOH A . 
B 2 HOH 76 176 176 HOH HOH A . 
B 2 HOH 77 177 177 HOH HOH A . 
B 2 HOH 78 178 178 HOH HOH A . 
B 2 HOH 79 179 179 HOH HOH A . 
B 2 HOH 80 180 180 HOH HOH A . 
B 2 HOH 81 181 181 HOH HOH A . 
B 2 HOH 82 182 182 HOH HOH A . 
B 2 HOH 83 183 183 HOH HOH A . 
B 2 HOH 84 184 184 HOH HOH A . 
B 2 HOH 85 185 185 HOH HOH A . 
B 2 HOH 86 186 186 HOH HOH A . 
B 2 HOH 87 187 187 HOH HOH A . 
B 2 HOH 88 188 188 HOH HOH A . 
B 2 HOH 89 189 189 HOH HOH A . 
# 
loop_
_software.name 
_software.classification 
_software.version 
_software.citation_id 
_software.pdbx_ordinal 
DENZO     'data reduction' . ? 1 
SCALEPACK 'data scaling'   . ? 2 
AMoRE     phasing          . ? 3 
SHELXL-97 refinement       . ? 4 
# 
_cell.entry_id           1ESR 
_cell.length_a           61.012 
_cell.length_b           61.012 
_cell.length_c           114.926 
_cell.angle_alpha        90.00 
_cell.angle_beta         90.00 
_cell.angle_gamma        120.00 
_cell.Z_PDB              12 
_cell.pdbx_unique_axis   ? 
# 
_symmetry.entry_id                         1ESR 
_symmetry.space_group_name_H-M             'P 61 2 2' 
_symmetry.pdbx_full_space_group_name_H-M   ? 
_symmetry.cell_setting                     ? 
_symmetry.Int_Tables_number                178 
# 
_exptl.entry_id          1ESR 
_exptl.method            'X-RAY DIFFRACTION' 
_exptl.crystals_number   1 
# 
_exptl_crystal.id                    1 
_exptl_crystal.density_meas          ? 
_exptl_crystal.density_Matthews      3.60 
_exptl_crystal.density_percent_sol   63.0 
_exptl_crystal.description           ? 
# 
_exptl_crystal_grow.crystal_id      1 
_exptl_crystal_grow.method          'VAPOR DIFFUSION, HANGING DROP' 
_exptl_crystal_grow.pH              7.5 
_exptl_crystal_grow.temp            292 
_exptl_crystal_grow.temp_details    ? 
_exptl_crystal_grow.pdbx_details    'Ammonium sulfate, Tris-HCl, pH 7.5, VAPOR DIFFUSION, HANGING DROP, temperature 292K' 
_exptl_crystal_grow.pdbx_pH_range   ? 
# 
_diffrn.id                     1 
_diffrn.ambient_temp           100 
_diffrn.ambient_temp_details   ? 
_diffrn.crystal_id             1 
# 
_diffrn_detector.diffrn_id              1 
_diffrn_detector.detector               CCD 
_diffrn_detector.type                   'ADSC QUANTUM 4' 
_diffrn_detector.pdbx_collection_date   1998-11-21 
_diffrn_detector.details                Mirror 
# 
_diffrn_radiation.diffrn_id                        1 
_diffrn_radiation.wavelength_id                    1 
_diffrn_radiation.pdbx_monochromatic_or_laue_m_l   M 
_diffrn_radiation.monochromator                    'Silicon 111' 
_diffrn_radiation.pdbx_diffrn_protocol             'SINGLE WAVELENGTH' 
_diffrn_radiation.pdbx_scattering_type             x-ray 
# 
_diffrn_radiation_wavelength.id           1 
_diffrn_radiation_wavelength.wavelength   0.97132 
_diffrn_radiation_wavelength.wt           1.0 
# 
_diffrn_source.diffrn_id                   1 
_diffrn_source.source                      SYNCHROTRON 
_diffrn_source.type                        'NSLS BEAMLINE X9B' 
_diffrn_source.pdbx_synchrotron_site       NSLS 
_diffrn_source.pdbx_synchrotron_beamline   X9B 
_diffrn_source.pdbx_wavelength             0.97132 
_diffrn_source.pdbx_wavelength_list        ? 
# 
_reflns.entry_id                     1ESR 
_reflns.observed_criterion_sigma_I   0.0 
_reflns.observed_criterion_sigma_F   0.0 
_reflns.d_resolution_low             20.0 
_reflns.d_resolution_high            1.90 
_reflns.number_obs                   10447 
_reflns.number_all                   10447 
_reflns.percent_possible_obs         98.4 
_reflns.pdbx_Rmerge_I_obs            0.06 
_reflns.pdbx_Rsym_value              ? 
_reflns.pdbx_netI_over_sigmaI        19.7 
_reflns.B_iso_Wilson_estimate        32.2 
_reflns.pdbx_redundancy              4.1 
_reflns.R_free_details               ? 
_reflns.limit_h_max                  ? 
_reflns.limit_h_min                  ? 
_reflns.limit_k_max                  ? 
_reflns.limit_k_min                  ? 
_reflns.limit_l_max                  ? 
_reflns.limit_l_min                  ? 
_reflns.observed_criterion_F_max     ? 
_reflns.observed_criterion_F_min     ? 
_reflns.pdbx_diffrn_id               1 
_reflns.pdbx_ordinal                 1 
# 
_reflns_shell.d_res_high             1.90 
_reflns_shell.d_res_low              1.93 
_reflns_shell.percent_possible_obs   ? 
_reflns_shell.percent_possible_all   92.7 
_reflns_shell.Rmerge_I_obs           0.507 
_reflns_shell.meanI_over_sigI_obs    1.7854 
_reflns_shell.pdbx_Rsym_value        ? 
_reflns_shell.pdbx_redundancy        3.6 
_reflns_shell.number_unique_all      469 
_reflns_shell.pdbx_diffrn_id         ? 
_reflns_shell.pdbx_ordinal           1 
# 
_refine.entry_id                                 1ESR 
_refine.ls_number_reflns_obs                     7346 
_refine.ls_number_reflns_all                     8555 
_refine.pdbx_ls_sigma_I                          2.0 
_refine.pdbx_ls_sigma_F                          0 
_refine.pdbx_data_cutoff_high_absF               ? 
_refine.pdbx_data_cutoff_low_absF                ? 
_refine.ls_d_res_low                             20.00 
_refine.ls_d_res_high                            2.00 
_refine.ls_percent_reflns_obs                    94.0 
_refine.ls_R_factor_obs                          0.244 
_refine.ls_R_factor_all                          ? 
_refine.ls_R_factor_R_work                       0.2317 
_refine.ls_R_factor_R_free                       0.32 
_refine.ls_R_factor_R_free_error                 ? 
_refine.ls_R_factor_R_free_error_details         ? 
_refine.ls_percent_reflns_R_free                 ? 
_refine.ls_number_reflns_R_free                  471 
_refine.ls_number_parameters                     2793 
_refine.ls_number_restraints                     2572 
_refine.occupancy_min                            ? 
_refine.occupancy_max                            ? 
_refine.B_iso_mean                               ? 
_refine.aniso_B[1][1]                            ? 
_refine.aniso_B[2][2]                            ? 
_refine.aniso_B[3][3]                            ? 
_refine.aniso_B[1][2]                            ? 
_refine.aniso_B[1][3]                            ? 
_refine.aniso_B[2][3]                            ? 
_refine.solvent_model_details                    'Moews & Kretsinger, J. Mol. Biol. 91 (1975) 201-228' 
_refine.solvent_model_param_ksol                 ? 
_refine.solvent_model_param_bsol                 ? 
_refine.pdbx_ls_cross_valid_method               'FREE R' 
_refine.details                                  
'Least-squares refinement using the Konnert-Hendrickson conjugate-gradient algorithm' 
_refine.pdbx_starting_model                      1DOK 
_refine.pdbx_method_to_determine_struct          'MOLECULAR REPLACEMENT' 
_refine.pdbx_isotropic_thermal_model             ? 
_refine.pdbx_stereochemistry_target_values       'ENGH AND HUBER' 
_refine.pdbx_stereochem_target_val_spec_case     ? 
_refine.pdbx_R_Free_selection_details            RANDOM 
_refine.pdbx_overall_ESU_R_Free                  ? 
_refine.overall_SU_B                             ? 
_refine.ls_redundancy_reflns_obs                 ? 
_refine.B_iso_min                                ? 
_refine.B_iso_max                                ? 
_refine.overall_SU_ML                            ? 
_refine.pdbx_overall_ESU_R                       ? 
_refine.pdbx_data_cutoff_high_rms_absF           ? 
_refine.pdbx_refine_id                           'X-RAY DIFFRACTION' 
_refine.pdbx_diffrn_id                           1 
_refine.pdbx_TLS_residual_ADP_flag               ? 
_refine.correlation_coeff_Fo_to_Fc               ? 
_refine.correlation_coeff_Fo_to_Fc_free          ? 
_refine.pdbx_solvent_vdw_probe_radii             ? 
_refine.pdbx_solvent_ion_probe_radii             ? 
_refine.pdbx_solvent_shrinkage_radii             ? 
_refine.pdbx_overall_phase_error                 ? 
_refine.overall_SU_R_Cruickshank_DPI             ? 
_refine.pdbx_overall_SU_R_free_Cruickshank_DPI   ? 
_refine.pdbx_overall_SU_R_Blow_DPI               ? 
_refine.pdbx_overall_SU_R_free_Blow_DPI          ? 
# 
_refine_analyze.entry_id                        1ESR 
_refine_analyze.Luzzati_coordinate_error_obs    ? 
_refine_analyze.Luzzati_sigma_a_obs             ? 
_refine_analyze.Luzzati_d_res_low_obs           ? 
_refine_analyze.Luzzati_coordinate_error_free   ? 
_refine_analyze.Luzzati_sigma_a_free            ? 
_refine_analyze.Luzzati_d_res_low_free          ? 
_refine_analyze.number_disordered_residues      1 
_refine_analyze.occupancy_sum_hydrogen          0. 
_refine_analyze.occupancy_sum_non_hydrogen      711. 
_refine_analyze.pdbx_Luzzati_d_res_high_obs     ? 
_refine_analyze.pdbx_refine_id                  'X-RAY DIFFRACTION' 
# 
_refine_hist.pdbx_refine_id                   'X-RAY DIFFRACTION' 
_refine_hist.cycle_id                         LAST 
_refine_hist.pdbx_number_atoms_protein        624 
_refine_hist.pdbx_number_atoms_nucleic_acid   0 
_refine_hist.pdbx_number_atoms_ligand         0 
_refine_hist.number_atoms_solvent             89 
_refine_hist.number_atoms_total               713 
_refine_hist.d_res_high                       2.00 
_refine_hist.d_res_low                        20.00 
# 
loop_
_refine_ls_restr.type 
_refine_ls_restr.dev_ideal 
_refine_ls_restr.dev_ideal_target 
_refine_ls_restr.weight 
_refine_ls_restr.number 
_refine_ls_restr.pdbx_refine_id 
_refine_ls_restr.pdbx_restraint_function 
s_bond_d               0.008 ? ? ? 'X-RAY DIFFRACTION' ? 
s_angle_d              0.029 ? ? ? 'X-RAY DIFFRACTION' ? 
s_similar_dist         0.000 ? ? ? 'X-RAY DIFFRACTION' ? 
s_from_restr_planes    0.023 ? ? ? 'X-RAY DIFFRACTION' ? 
s_zero_chiral_vol      0.146 ? ? ? 'X-RAY DIFFRACTION' ? 
s_non_zero_chiral_vol  0.057 ? ? ? 'X-RAY DIFFRACTION' ? 
s_anti_bump_dis_restr  0.046 ? ? ? 'X-RAY DIFFRACTION' ? 
s_rigid_bond_adp_cmpnt 0.005 ? ? ? 'X-RAY DIFFRACTION' ? 
s_similar_adp_cmpnt    0.094 ? ? ? 'X-RAY DIFFRACTION' ? 
s_approx_iso_adps      0.000 ? ? ? 'X-RAY DIFFRACTION' ? 
# 
_pdbx_refine.entry_id                                    1ESR 
_pdbx_refine.R_factor_all_no_cutoff                      ? 
_pdbx_refine.R_factor_obs_no_cutoff                      0.244 
_pdbx_refine.free_R_factor_no_cutoff                     ? 
_pdbx_refine.free_R_val_test_set_size_perc_no_cutoff     5.506 
_pdbx_refine.free_R_val_test_set_ct_no_cutoff            ? 
_pdbx_refine.R_factor_all_4sig_cutoff                    ? 
_pdbx_refine.R_factor_obs_4sig_cutoff                    0.229 
_pdbx_refine.free_R_factor_4sig_cutoff                   0.299 
_pdbx_refine.free_R_val_test_set_size_perc_4sig_cutoff   5.769 
_pdbx_refine.free_R_val_test_set_ct_4sig_cutoff          396 
_pdbx_refine.number_reflns_obs_4sig_cutoff               6864 
_pdbx_refine.number_reflns_obs_no_cutoff                 ? 
_pdbx_refine.pdbx_refine_id                              'X-RAY DIFFRACTION' 
_pdbx_refine.free_R_error_no_cutoff                      ? 
# 
_struct.entry_id                  1ESR 
_struct.title                     'CRYSTAL STRUCTURE OF HUMAN MONOCYTE CHEMOTACTIC PROTEIN-2' 
_struct.pdbx_model_details        ? 
_struct.pdbx_CASP_flag            ? 
_struct.pdbx_model_type_details   ? 
# 
_struct_keywords.entry_id        1ESR 
_struct_keywords.pdbx_keywords   CYTOKINE 
_struct_keywords.text            'CYTOKINE, CHEMOKINE, MONOCYTE CHEMOATTRACTANT PROTEIN, HIV-1, PYROGLUTAMIC ACID' 
# 
loop_
_struct_asym.id 
_struct_asym.pdbx_blank_PDB_chainid_flag 
_struct_asym.pdbx_modified 
_struct_asym.entity_id 
_struct_asym.details 
A N N 1 ? 
B N N 2 ? 
# 
_struct_ref.id                         1 
_struct_ref.db_code                    CCL8_HUMAN 
_struct_ref.db_name                    UNP 
_struct_ref.entity_id                  1 
_struct_ref.pdbx_db_accession          P80075 
_struct_ref.pdbx_align_begin           ? 
_struct_ref.pdbx_seq_one_letter_code   ? 
_struct_ref.pdbx_db_isoform            ? 
# 
_struct_ref_seq.align_id                      1 
_struct_ref_seq.ref_id                        1 
_struct_ref_seq.pdbx_PDB_id_code              1ESR 
_struct_ref_seq.pdbx_strand_id                A 
_struct_ref_seq.seq_align_beg                 1 
_struct_ref_seq.pdbx_seq_align_beg_ins_code   ? 
_struct_ref_seq.seq_align_end                 76 
_struct_ref_seq.pdbx_seq_align_end_ins_code   ? 
_struct_ref_seq.pdbx_db_accession             P80075 
_struct_ref_seq.db_align_beg                  24 
_struct_ref_seq.pdbx_db_align_beg_ins_code    ? 
_struct_ref_seq.db_align_end                  99 
_struct_ref_seq.pdbx_db_align_end_ins_code    ? 
_struct_ref_seq.pdbx_auth_seq_align_beg       1 
_struct_ref_seq.pdbx_auth_seq_align_end       76 
# 
_struct_ref_seq_dif.align_id                     1 
_struct_ref_seq_dif.pdbx_pdb_id_code             1ESR 
_struct_ref_seq_dif.mon_id                       GLN 
_struct_ref_seq_dif.pdbx_pdb_strand_id           A 
_struct_ref_seq_dif.seq_num                      46 
_struct_ref_seq_dif.pdbx_pdb_ins_code            ? 
_struct_ref_seq_dif.pdbx_seq_db_name             UNP 
_struct_ref_seq_dif.pdbx_seq_db_accession_code   P80075 
_struct_ref_seq_dif.db_mon_id                    LYS 
_struct_ref_seq_dif.pdbx_seq_db_seq_num          69 
_struct_ref_seq_dif.details                      'engineered mutation' 
_struct_ref_seq_dif.pdbx_auth_seq_num            46 
_struct_ref_seq_dif.pdbx_ordinal                 1 
# 
_pdbx_struct_assembly.id                   1 
_pdbx_struct_assembly.details              author_defined_assembly 
_pdbx_struct_assembly.method_details       ? 
_pdbx_struct_assembly.oligomeric_details   dimeric 
_pdbx_struct_assembly.oligomeric_count     2 
# 
_pdbx_struct_assembly_gen.assembly_id       1 
_pdbx_struct_assembly_gen.oper_expression   1,2 
_pdbx_struct_assembly_gen.asym_id_list      A,B 
# 
loop_
_pdbx_struct_oper_list.id 
_pdbx_struct_oper_list.type 
_pdbx_struct_oper_list.name 
_pdbx_struct_oper_list.symmetry_operation 
_pdbx_struct_oper_list.matrix[1][1] 
_pdbx_struct_oper_list.matrix[1][2] 
_pdbx_struct_oper_list.matrix[1][3] 
_pdbx_struct_oper_list.vector[1] 
_pdbx_struct_oper_list.matrix[2][1] 
_pdbx_struct_oper_list.matrix[2][2] 
_pdbx_struct_oper_list.matrix[2][3] 
_pdbx_struct_oper_list.vector[2] 
_pdbx_struct_oper_list.matrix[3][1] 
_pdbx_struct_oper_list.matrix[3][2] 
_pdbx_struct_oper_list.matrix[3][3] 
_pdbx_struct_oper_list.vector[3] 
1 'identity operation'         1_555  x,y,z         1.0000000000  0.0000000000 0.0000000000 0.0000000000   0.0000000000 1.0000000000  0.0000000000 0.0000000000  0.0000000000 0.0000000000 1.0000000000 0.0000000000  
2 'crystal symmetry operation' 11_555 -x+y,y,-z+1/2 -0.3100087541 0.2320367344 0.9219834740 -21.1317197609 0.2320367344 -0.9219685084 0.3100532590 -6.3391679679 0.9219834740 0.3100532590 0.2319772625 17.4098798217 
# 
_struct_conf.conf_type_id            HELX_P 
_struct_conf.id                      HELX_P1 
_struct_conf.pdbx_PDB_helix_id       1 
_struct_conf.beg_label_comp_id       GLU 
_struct_conf.beg_label_asym_id       A 
_struct_conf.beg_label_seq_id        57 
_struct_conf.pdbx_beg_PDB_ins_code   ? 
_struct_conf.end_label_comp_id       LEU 
_struct_conf.end_label_asym_id       A 
_struct_conf.end_label_seq_id        74 
_struct_conf.pdbx_end_PDB_ins_code   ? 
_struct_conf.beg_auth_comp_id        GLU 
_struct_conf.beg_auth_asym_id        A 
_struct_conf.beg_auth_seq_id         57 
_struct_conf.end_auth_comp_id        LEU 
_struct_conf.end_auth_asym_id        A 
_struct_conf.end_auth_seq_id         74 
_struct_conf.pdbx_PDB_helix_class    1 
_struct_conf.details                 ? 
_struct_conf.pdbx_PDB_helix_length   18 
# 
_struct_conf_type.id          HELX_P 
_struct_conf_type.criteria    ? 
_struct_conf_type.reference   ? 
# 
loop_
_struct_conn.id 
_struct_conn.conn_type_id 
_struct_conn.pdbx_leaving_atom_flag 
_struct_conn.pdbx_PDB_id 
_struct_conn.ptnr1_label_asym_id 
_struct_conn.ptnr1_label_comp_id 
_struct_conn.ptnr1_label_seq_id 
_struct_conn.ptnr1_label_atom_id 
_struct_conn.pdbx_ptnr1_label_alt_id 
_struct_conn.pdbx_ptnr1_PDB_ins_code 
_struct_conn.pdbx_ptnr1_standard_comp_id 
_struct_conn.ptnr1_symmetry 
_struct_conn.ptnr2_label_asym_id 
_struct_conn.ptnr2_label_comp_id 
_struct_conn.ptnr2_label_seq_id 
_struct_conn.ptnr2_label_atom_id 
_struct_conn.pdbx_ptnr2_label_alt_id 
_struct_conn.pdbx_ptnr2_PDB_ins_code 
_struct_conn.ptnr1_auth_asym_id 
_struct_conn.ptnr1_auth_comp_id 
_struct_conn.ptnr1_auth_seq_id 
_struct_conn.ptnr2_auth_asym_id 
_struct_conn.ptnr2_auth_comp_id 
_struct_conn.ptnr2_auth_seq_id 
_struct_conn.ptnr2_symmetry 
_struct_conn.pdbx_ptnr3_label_atom_id 
_struct_conn.pdbx_ptnr3_label_seq_id 
_struct_conn.pdbx_ptnr3_label_comp_id 
_struct_conn.pdbx_ptnr3_label_asym_id 
_struct_conn.pdbx_ptnr3_label_alt_id 
_struct_conn.pdbx_ptnr3_PDB_ins_code 
_struct_conn.details 
_struct_conn.pdbx_dist_value 
_struct_conn.pdbx_value_order 
_struct_conn.pdbx_role 
disulf1 disulf ?    ? A CYS 11 SG ? ? ? 1_555 A CYS 36 SG ? ? A CYS 11 A CYS 36 1_555 ? ? ? ? ? ? ? 2.034 ? ? 
disulf2 disulf ?    ? A CYS 12 SG ? ? ? 1_555 A CYS 52 SG ? ? A CYS 12 A CYS 52 1_555 ? ? ? ? ? ? ? 2.055 ? ? 
covale1 covale both ? A PCA 1  C  ? ? ? 1_555 A PRO 2  N  ? ? A PCA 1  A PRO 2  1_555 ? ? ? ? ? ? ? 1.335 ? ? 
# 
loop_
_struct_conn_type.id 
_struct_conn_type.criteria 
_struct_conn_type.reference 
disulf ? ? 
covale ? ? 
# 
loop_
_pdbx_modification_feature.ordinal 
_pdbx_modification_feature.label_comp_id 
_pdbx_modification_feature.label_asym_id 
_pdbx_modification_feature.label_seq_id 
_pdbx_modification_feature.label_alt_id 
_pdbx_modification_feature.modified_residue_label_comp_id 
_pdbx_modification_feature.modified_residue_label_asym_id 
_pdbx_modification_feature.modified_residue_label_seq_id 
_pdbx_modification_feature.modified_residue_label_alt_id 
_pdbx_modification_feature.auth_comp_id 
_pdbx_modification_feature.auth_asym_id 
_pdbx_modification_feature.auth_seq_id 
_pdbx_modification_feature.PDB_ins_code 
_pdbx_modification_feature.symmetry 
_pdbx_modification_feature.modified_residue_auth_comp_id 
_pdbx_modification_feature.modified_residue_auth_asym_id 
_pdbx_modification_feature.modified_residue_auth_seq_id 
_pdbx_modification_feature.modified_residue_PDB_ins_code 
_pdbx_modification_feature.modified_residue_symmetry 
_pdbx_modification_feature.comp_id_linking_atom 
_pdbx_modification_feature.modified_residue_id_linking_atom 
_pdbx_modification_feature.modified_residue_id 
_pdbx_modification_feature.ref_pcm_id 
_pdbx_modification_feature.ref_comp_id 
_pdbx_modification_feature.type 
_pdbx_modification_feature.category 
1 PCA A 1  ? .   . .  . PCA A 1  ? 1_555 .   . .  . .     .  .  GLN 1 PCA 'Pyrrolidone carboxylic acid' 
'Named protein modification' 
2 CYS A 11 ? CYS A 36 ? CYS A 11 ? 1_555 CYS A 36 ? 1_555 SG SG .   . .   None                          'Disulfide bridge' 
3 CYS A 12 ? CYS A 52 ? CYS A 12 ? 1_555 CYS A 52 ? 1_555 SG SG .   . .   None                          'Disulfide bridge' 
# 
_struct_mon_prot_cis.pdbx_id                1 
_struct_mon_prot_cis.label_comp_id          LYS 
_struct_mon_prot_cis.label_seq_id           75 
_struct_mon_prot_cis.label_asym_id          A 
_struct_mon_prot_cis.label_alt_id           . 
_struct_mon_prot_cis.pdbx_PDB_ins_code      ? 
_struct_mon_prot_cis.auth_comp_id           LYS 
_struct_mon_prot_cis.auth_seq_id            75 
_struct_mon_prot_cis.auth_asym_id           A 
_struct_mon_prot_cis.pdbx_label_comp_id_2   PRO 
_struct_mon_prot_cis.pdbx_label_seq_id_2    76 
_struct_mon_prot_cis.pdbx_label_asym_id_2   A 
_struct_mon_prot_cis.pdbx_PDB_ins_code_2    ? 
_struct_mon_prot_cis.pdbx_auth_comp_id_2    PRO 
_struct_mon_prot_cis.pdbx_auth_seq_id_2     76 
_struct_mon_prot_cis.pdbx_auth_asym_id_2    A 
_struct_mon_prot_cis.pdbx_PDB_model_num     1 
_struct_mon_prot_cis.pdbx_omega_angle       18.68 
# 
_struct_sheet.id               A 
_struct_sheet.type             ? 
_struct_sheet.number_strands   3 
_struct_sheet.details          ? 
# 
loop_
_struct_sheet_order.sheet_id 
_struct_sheet_order.range_id_1 
_struct_sheet_order.range_id_2 
_struct_sheet_order.offset 
_struct_sheet_order.sense 
A 1 2 ? anti-parallel 
A 2 3 ? anti-parallel 
# 
loop_
_struct_sheet_range.sheet_id 
_struct_sheet_range.id 
_struct_sheet_range.beg_label_comp_id 
_struct_sheet_range.beg_label_asym_id 
_struct_sheet_range.beg_label_seq_id 
_struct_sheet_range.pdbx_beg_PDB_ins_code 
_struct_sheet_range.end_label_comp_id 
_struct_sheet_range.end_label_asym_id 
_struct_sheet_range.end_label_seq_id 
_struct_sheet_range.pdbx_end_PDB_ins_code 
_struct_sheet_range.beg_auth_comp_id 
_struct_sheet_range.beg_auth_asym_id 
_struct_sheet_range.beg_auth_seq_id 
_struct_sheet_range.end_auth_comp_id 
_struct_sheet_range.end_auth_asym_id 
_struct_sheet_range.end_auth_seq_id 
A 1 LEU A 25 ? ARG A 30 ? LEU A 25 ARG A 30 
A 2 VAL A 41 ? THR A 45 ? VAL A 41 THR A 45 
A 3 GLU A 50 ? ALA A 53 ? GLU A 50 ALA A 53 
# 
loop_
_pdbx_struct_sheet_hbond.sheet_id 
_pdbx_struct_sheet_hbond.range_id_1 
_pdbx_struct_sheet_hbond.range_id_2 
_pdbx_struct_sheet_hbond.range_1_label_atom_id 
_pdbx_struct_sheet_hbond.range_1_label_comp_id 
_pdbx_struct_sheet_hbond.range_1_label_asym_id 
_pdbx_struct_sheet_hbond.range_1_label_seq_id 
_pdbx_struct_sheet_hbond.range_1_PDB_ins_code 
_pdbx_struct_sheet_hbond.range_1_auth_atom_id 
_pdbx_struct_sheet_hbond.range_1_auth_comp_id 
_pdbx_struct_sheet_hbond.range_1_auth_asym_id 
_pdbx_struct_sheet_hbond.range_1_auth_seq_id 
_pdbx_struct_sheet_hbond.range_2_label_atom_id 
_pdbx_struct_sheet_hbond.range_2_label_comp_id 
_pdbx_struct_sheet_hbond.range_2_label_asym_id 
_pdbx_struct_sheet_hbond.range_2_label_seq_id 
_pdbx_struct_sheet_hbond.range_2_PDB_ins_code 
_pdbx_struct_sheet_hbond.range_2_auth_atom_id 
_pdbx_struct_sheet_hbond.range_2_auth_comp_id 
_pdbx_struct_sheet_hbond.range_2_auth_asym_id 
_pdbx_struct_sheet_hbond.range_2_auth_seq_id 
A 1 2 O THR A 29 ? O THR A 29 N ILE A 42 ? N ILE A 42 
A 2 3 N PHE A 43 ? N PHE A 43 O VAL A 51 ? O VAL A 51 
# 
_pdbx_entry_details.entry_id                   1ESR 
_pdbx_entry_details.compound_details           ? 
_pdbx_entry_details.source_details             ? 
_pdbx_entry_details.nonpolymer_details         ? 
_pdbx_entry_details.sequence_details           ? 
_pdbx_entry_details.has_ligand_of_interest     ? 
_pdbx_entry_details.has_protein_modification   Y 
# 
loop_
_pdbx_validate_rmsd_angle.id 
_pdbx_validate_rmsd_angle.PDB_model_num 
_pdbx_validate_rmsd_angle.auth_atom_id_1 
_pdbx_validate_rmsd_angle.auth_asym_id_1 
_pdbx_validate_rmsd_angle.auth_comp_id_1 
_pdbx_validate_rmsd_angle.auth_seq_id_1 
_pdbx_validate_rmsd_angle.PDB_ins_code_1 
_pdbx_validate_rmsd_angle.label_alt_id_1 
_pdbx_validate_rmsd_angle.auth_atom_id_2 
_pdbx_validate_rmsd_angle.auth_asym_id_2 
_pdbx_validate_rmsd_angle.auth_comp_id_2 
_pdbx_validate_rmsd_angle.auth_seq_id_2 
_pdbx_validate_rmsd_angle.PDB_ins_code_2 
_pdbx_validate_rmsd_angle.label_alt_id_2 
_pdbx_validate_rmsd_angle.auth_atom_id_3 
_pdbx_validate_rmsd_angle.auth_asym_id_3 
_pdbx_validate_rmsd_angle.auth_comp_id_3 
_pdbx_validate_rmsd_angle.auth_seq_id_3 
_pdbx_validate_rmsd_angle.PDB_ins_code_3 
_pdbx_validate_rmsd_angle.label_alt_id_3 
_pdbx_validate_rmsd_angle.angle_value 
_pdbx_validate_rmsd_angle.angle_target_value 
_pdbx_validate_rmsd_angle.angle_deviation 
_pdbx_validate_rmsd_angle.angle_standard_deviation 
_pdbx_validate_rmsd_angle.linker_flag 
1 1 NE A ARG 47 ? ? CZ A ARG 47 ? ? NH1 A ARG 47 ? ? 116.72 120.30 -3.58 0.50 N 
2 1 N  A PRO 76 ? ? CA A PRO 76 ? ? CB  A PRO 76 ? ? 94.08  102.60 -8.52 1.10 N 
# 
_pdbx_validate_torsion.id              1 
_pdbx_validate_torsion.PDB_model_num   1 
_pdbx_validate_torsion.auth_comp_id    LEU 
_pdbx_validate_torsion.auth_asym_id    A 
_pdbx_validate_torsion.auth_seq_id     74 
_pdbx_validate_torsion.PDB_ins_code    ? 
_pdbx_validate_torsion.label_alt_id    ? 
_pdbx_validate_torsion.phi             -101.19 
_pdbx_validate_torsion.psi             62.44 
# 
_pdbx_struct_mod_residue.id               1 
_pdbx_struct_mod_residue.label_asym_id    A 
_pdbx_struct_mod_residue.label_comp_id    PCA 
_pdbx_struct_mod_residue.label_seq_id     1 
_pdbx_struct_mod_residue.auth_asym_id     A 
_pdbx_struct_mod_residue.auth_comp_id     PCA 
_pdbx_struct_mod_residue.auth_seq_id      1 
_pdbx_struct_mod_residue.PDB_ins_code     ? 
_pdbx_struct_mod_residue.parent_comp_id   GLN 
_pdbx_struct_mod_residue.details          'PYROGLUTAMIC ACID' 
# 
loop_
_pdbx_struct_special_symmetry.id 
_pdbx_struct_special_symmetry.PDB_model_num 
_pdbx_struct_special_symmetry.auth_asym_id 
_pdbx_struct_special_symmetry.auth_comp_id 
_pdbx_struct_special_symmetry.auth_seq_id 
_pdbx_struct_special_symmetry.PDB_ins_code 
_pdbx_struct_special_symmetry.label_asym_id 
_pdbx_struct_special_symmetry.label_comp_id 
_pdbx_struct_special_symmetry.label_seq_id 
1 1 A HOH 153 ? B HOH . 
2 1 A HOH 177 ? B HOH . 
# 
loop_
_chem_comp_atom.comp_id 
_chem_comp_atom.atom_id 
_chem_comp_atom.type_symbol 
_chem_comp_atom.pdbx_aromatic_flag 
_chem_comp_atom.pdbx_stereo_config 
_chem_comp_atom.pdbx_ordinal 
ALA N    N N N 1   
ALA CA   C N S 2   
ALA C    C N N 3   
ALA O    O N N 4   
ALA CB   C N N 5   
ALA OXT  O N N 6   
ALA H    H N N 7   
ALA H2   H N N 8   
ALA HA   H N N 9   
ALA HB1  H N N 10  
ALA HB2  H N N 11  
ALA HB3  H N N 12  
ALA HXT  H N N 13  
ARG N    N N N 14  
ARG CA   C N S 15  
ARG C    C N N 16  
ARG O    O N N 17  
ARG CB   C N N 18  
ARG CG   C N N 19  
ARG CD   C N N 20  
ARG NE   N N N 21  
ARG CZ   C N N 22  
ARG NH1  N N N 23  
ARG NH2  N N N 24  
ARG OXT  O N N 25  
ARG H    H N N 26  
ARG H2   H N N 27  
ARG HA   H N N 28  
ARG HB2  H N N 29  
ARG HB3  H N N 30  
ARG HG2  H N N 31  
ARG HG3  H N N 32  
ARG HD2  H N N 33  
ARG HD3  H N N 34  
ARG HE   H N N 35  
ARG HH11 H N N 36  
ARG HH12 H N N 37  
ARG HH21 H N N 38  
ARG HH22 H N N 39  
ARG HXT  H N N 40  
ASN N    N N N 41  
ASN CA   C N S 42  
ASN C    C N N 43  
ASN O    O N N 44  
ASN CB   C N N 45  
ASN CG   C N N 46  
ASN OD1  O N N 47  
ASN ND2  N N N 48  
ASN OXT  O N N 49  
ASN H    H N N 50  
ASN H2   H N N 51  
ASN HA   H N N 52  
ASN HB2  H N N 53  
ASN HB3  H N N 54  
ASN HD21 H N N 55  
ASN HD22 H N N 56  
ASN HXT  H N N 57  
ASP N    N N N 58  
ASP CA   C N S 59  
ASP C    C N N 60  
ASP O    O N N 61  
ASP CB   C N N 62  
ASP CG   C N N 63  
ASP OD1  O N N 64  
ASP OD2  O N N 65  
ASP OXT  O N N 66  
ASP H    H N N 67  
ASP H2   H N N 68  
ASP HA   H N N 69  
ASP HB2  H N N 70  
ASP HB3  H N N 71  
ASP HD2  H N N 72  
ASP HXT  H N N 73  
CYS N    N N N 74  
CYS CA   C N R 75  
CYS C    C N N 76  
CYS O    O N N 77  
CYS CB   C N N 78  
CYS SG   S N N 79  
CYS OXT  O N N 80  
CYS H    H N N 81  
CYS H2   H N N 82  
CYS HA   H N N 83  
CYS HB2  H N N 84  
CYS HB3  H N N 85  
CYS HG   H N N 86  
CYS HXT  H N N 87  
GLN N    N N N 88  
GLN CA   C N S 89  
GLN C    C N N 90  
GLN O    O N N 91  
GLN CB   C N N 92  
GLN CG   C N N 93  
GLN CD   C N N 94  
GLN OE1  O N N 95  
GLN NE2  N N N 96  
GLN OXT  O N N 97  
GLN H    H N N 98  
GLN H2   H N N 99  
GLN HA   H N N 100 
GLN HB2  H N N 101 
GLN HB3  H N N 102 
GLN HG2  H N N 103 
GLN HG3  H N N 104 
GLN HE21 H N N 105 
GLN HE22 H N N 106 
GLN HXT  H N N 107 
GLU N    N N N 108 
GLU CA   C N S 109 
GLU C    C N N 110 
GLU O    O N N 111 
GLU CB   C N N 112 
GLU CG   C N N 113 
GLU CD   C N N 114 
GLU OE1  O N N 115 
GLU OE2  O N N 116 
GLU OXT  O N N 117 
GLU H    H N N 118 
GLU H2   H N N 119 
GLU HA   H N N 120 
GLU HB2  H N N 121 
GLU HB3  H N N 122 
GLU HG2  H N N 123 
GLU HG3  H N N 124 
GLU HE2  H N N 125 
GLU HXT  H N N 126 
GLY N    N N N 127 
GLY CA   C N N 128 
GLY C    C N N 129 
GLY O    O N N 130 
GLY OXT  O N N 131 
GLY H    H N N 132 
GLY H2   H N N 133 
GLY HA2  H N N 134 
GLY HA3  H N N 135 
GLY HXT  H N N 136 
HIS N    N N N 137 
HIS CA   C N S 138 
HIS C    C N N 139 
HIS O    O N N 140 
HIS CB   C N N 141 
HIS CG   C Y N 142 
HIS ND1  N Y N 143 
HIS CD2  C Y N 144 
HIS CE1  C Y N 145 
HIS NE2  N Y N 146 
HIS OXT  O N N 147 
HIS H    H N N 148 
HIS H2   H N N 149 
HIS HA   H N N 150 
HIS HB2  H N N 151 
HIS HB3  H N N 152 
HIS HD1  H N N 153 
HIS HD2  H N N 154 
HIS HE1  H N N 155 
HIS HE2  H N N 156 
HIS HXT  H N N 157 
HOH O    O N N 158 
HOH H1   H N N 159 
HOH H2   H N N 160 
ILE N    N N N 161 
ILE CA   C N S 162 
ILE C    C N N 163 
ILE O    O N N 164 
ILE CB   C N S 165 
ILE CG1  C N N 166 
ILE CG2  C N N 167 
ILE CD1  C N N 168 
ILE OXT  O N N 169 
ILE H    H N N 170 
ILE H2   H N N 171 
ILE HA   H N N 172 
ILE HB   H N N 173 
ILE HG12 H N N 174 
ILE HG13 H N N 175 
ILE HG21 H N N 176 
ILE HG22 H N N 177 
ILE HG23 H N N 178 
ILE HD11 H N N 179 
ILE HD12 H N N 180 
ILE HD13 H N N 181 
ILE HXT  H N N 182 
LEU N    N N N 183 
LEU CA   C N S 184 
LEU C    C N N 185 
LEU O    O N N 186 
LEU CB   C N N 187 
LEU CG   C N N 188 
LEU CD1  C N N 189 
LEU CD2  C N N 190 
LEU OXT  O N N 191 
LEU H    H N N 192 
LEU H2   H N N 193 
LEU HA   H N N 194 
LEU HB2  H N N 195 
LEU HB3  H N N 196 
LEU HG   H N N 197 
LEU HD11 H N N 198 
LEU HD12 H N N 199 
LEU HD13 H N N 200 
LEU HD21 H N N 201 
LEU HD22 H N N 202 
LEU HD23 H N N 203 
LEU HXT  H N N 204 
LYS N    N N N 205 
LYS CA   C N S 206 
LYS C    C N N 207 
LYS O    O N N 208 
LYS CB   C N N 209 
LYS CG   C N N 210 
LYS CD   C N N 211 
LYS CE   C N N 212 
LYS NZ   N N N 213 
LYS OXT  O N N 214 
LYS H    H N N 215 
LYS H2   H N N 216 
LYS HA   H N N 217 
LYS HB2  H N N 218 
LYS HB3  H N N 219 
LYS HG2  H N N 220 
LYS HG3  H N N 221 
LYS HD2  H N N 222 
LYS HD3  H N N 223 
LYS HE2  H N N 224 
LYS HE3  H N N 225 
LYS HZ1  H N N 226 
LYS HZ2  H N N 227 
LYS HZ3  H N N 228 
LYS HXT  H N N 229 
MET N    N N N 230 
MET CA   C N S 231 
MET C    C N N 232 
MET O    O N N 233 
MET CB   C N N 234 
MET CG   C N N 235 
MET SD   S N N 236 
MET CE   C N N 237 
MET OXT  O N N 238 
MET H    H N N 239 
MET H2   H N N 240 
MET HA   H N N 241 
MET HB2  H N N 242 
MET HB3  H N N 243 
MET HG2  H N N 244 
MET HG3  H N N 245 
MET HE1  H N N 246 
MET HE2  H N N 247 
MET HE3  H N N 248 
MET HXT  H N N 249 
PCA N    N N N 250 
PCA CA   C N S 251 
PCA CB   C N N 252 
PCA CG   C N N 253 
PCA CD   C N N 254 
PCA OE   O N N 255 
PCA C    C N N 256 
PCA O    O N N 257 
PCA OXT  O N N 258 
PCA H    H N N 259 
PCA HA   H N N 260 
PCA HB2  H N N 261 
PCA HB3  H N N 262 
PCA HG2  H N N 263 
PCA HG3  H N N 264 
PCA HXT  H N N 265 
PHE N    N N N 266 
PHE CA   C N S 267 
PHE C    C N N 268 
PHE O    O N N 269 
PHE CB   C N N 270 
PHE CG   C Y N 271 
PHE CD1  C Y N 272 
PHE CD2  C Y N 273 
PHE CE1  C Y N 274 
PHE CE2  C Y N 275 
PHE CZ   C Y N 276 
PHE OXT  O N N 277 
PHE H    H N N 278 
PHE H2   H N N 279 
PHE HA   H N N 280 
PHE HB2  H N N 281 
PHE HB3  H N N 282 
PHE HD1  H N N 283 
PHE HD2  H N N 284 
PHE HE1  H N N 285 
PHE HE2  H N N 286 
PHE HZ   H N N 287 
PHE HXT  H N N 288 
PRO N    N N N 289 
PRO CA   C N S 290 
PRO C    C N N 291 
PRO O    O N N 292 
PRO CB   C N N 293 
PRO CG   C N N 294 
PRO CD   C N N 295 
PRO OXT  O N N 296 
PRO H    H N N 297 
PRO HA   H N N 298 
PRO HB2  H N N 299 
PRO HB3  H N N 300 
PRO HG2  H N N 301 
PRO HG3  H N N 302 
PRO HD2  H N N 303 
PRO HD3  H N N 304 
PRO HXT  H N N 305 
SER N    N N N 306 
SER CA   C N S 307 
SER C    C N N 308 
SER O    O N N 309 
SER CB   C N N 310 
SER OG   O N N 311 
SER OXT  O N N 312 
SER H    H N N 313 
SER H2   H N N 314 
SER HA   H N N 315 
SER HB2  H N N 316 
SER HB3  H N N 317 
SER HG   H N N 318 
SER HXT  H N N 319 
THR N    N N N 320 
THR CA   C N S 321 
THR C    C N N 322 
THR O    O N N 323 
THR CB   C N R 324 
THR OG1  O N N 325 
THR CG2  C N N 326 
THR OXT  O N N 327 
THR H    H N N 328 
THR H2   H N N 329 
THR HA   H N N 330 
THR HB   H N N 331 
THR HG1  H N N 332 
THR HG21 H N N 333 
THR HG22 H N N 334 
THR HG23 H N N 335 
THR HXT  H N N 336 
TRP N    N N N 337 
TRP CA   C N S 338 
TRP C    C N N 339 
TRP O    O N N 340 
TRP CB   C N N 341 
TRP CG   C Y N 342 
TRP CD1  C Y N 343 
TRP CD2  C Y N 344 
TRP NE1  N Y N 345 
TRP CE2  C Y N 346 
TRP CE3  C Y N 347 
TRP CZ2  C Y N 348 
TRP CZ3  C Y N 349 
TRP CH2  C Y N 350 
TRP OXT  O N N 351 
TRP H    H N N 352 
TRP H2   H N N 353 
TRP HA   H N N 354 
TRP HB2  H N N 355 
TRP HB3  H N N 356 
TRP HD1  H N N 357 
TRP HE1  H N N 358 
TRP HE3  H N N 359 
TRP HZ2  H N N 360 
TRP HZ3  H N N 361 
TRP HH2  H N N 362 
TRP HXT  H N N 363 
TYR N    N N N 364 
TYR CA   C N S 365 
TYR C    C N N 366 
TYR O    O N N 367 
TYR CB   C N N 368 
TYR CG   C Y N 369 
TYR CD1  C Y N 370 
TYR CD2  C Y N 371 
TYR CE1  C Y N 372 
TYR CE2  C Y N 373 
TYR CZ   C Y N 374 
TYR OH   O N N 375 
TYR OXT  O N N 376 
TYR H    H N N 377 
TYR H2   H N N 378 
TYR HA   H N N 379 
TYR HB2  H N N 380 
TYR HB3  H N N 381 
TYR HD1  H N N 382 
TYR HD2  H N N 383 
TYR HE1  H N N 384 
TYR HE2  H N N 385 
TYR HH   H N N 386 
TYR HXT  H N N 387 
VAL N    N N N 388 
VAL CA   C N S 389 
VAL C    C N N 390 
VAL O    O N N 391 
VAL CB   C N N 392 
VAL CG1  C N N 393 
VAL CG2  C N N 394 
VAL OXT  O N N 395 
VAL H    H N N 396 
VAL H2   H N N 397 
VAL HA   H N N 398 
VAL HB   H N N 399 
VAL HG11 H N N 400 
VAL HG12 H N N 401 
VAL HG13 H N N 402 
VAL HG21 H N N 403 
VAL HG22 H N N 404 
VAL HG23 H N N 405 
VAL HXT  H N N 406 
# 
loop_
_chem_comp_bond.comp_id 
_chem_comp_bond.atom_id_1 
_chem_comp_bond.atom_id_2 
_chem_comp_bond.value_order 
_chem_comp_bond.pdbx_aromatic_flag 
_chem_comp_bond.pdbx_stereo_config 
_chem_comp_bond.pdbx_ordinal 
ALA N   CA   sing N N 1   
ALA N   H    sing N N 2   
ALA N   H2   sing N N 3   
ALA CA  C    sing N N 4   
ALA CA  CB   sing N N 5   
ALA CA  HA   sing N N 6   
ALA C   O    doub N N 7   
ALA C   OXT  sing N N 8   
ALA CB  HB1  sing N N 9   
ALA CB  HB2  sing N N 10  
ALA CB  HB3  sing N N 11  
ALA OXT HXT  sing N N 12  
ARG N   CA   sing N N 13  
ARG N   H    sing N N 14  
ARG N   H2   sing N N 15  
ARG CA  C    sing N N 16  
ARG CA  CB   sing N N 17  
ARG CA  HA   sing N N 18  
ARG C   O    doub N N 19  
ARG C   OXT  sing N N 20  
ARG CB  CG   sing N N 21  
ARG CB  HB2  sing N N 22  
ARG CB  HB3  sing N N 23  
ARG CG  CD   sing N N 24  
ARG CG  HG2  sing N N 25  
ARG CG  HG3  sing N N 26  
ARG CD  NE   sing N N 27  
ARG CD  HD2  sing N N 28  
ARG CD  HD3  sing N N 29  
ARG NE  CZ   sing N N 30  
ARG NE  HE   sing N N 31  
ARG CZ  NH1  sing N N 32  
ARG CZ  NH2  doub N N 33  
ARG NH1 HH11 sing N N 34  
ARG NH1 HH12 sing N N 35  
ARG NH2 HH21 sing N N 36  
ARG NH2 HH22 sing N N 37  
ARG OXT HXT  sing N N 38  
ASN N   CA   sing N N 39  
ASN N   H    sing N N 40  
ASN N   H2   sing N N 41  
ASN CA  C    sing N N 42  
ASN CA  CB   sing N N 43  
ASN CA  HA   sing N N 44  
ASN C   O    doub N N 45  
ASN C   OXT  sing N N 46  
ASN CB  CG   sing N N 47  
ASN CB  HB2  sing N N 48  
ASN CB  HB3  sing N N 49  
ASN CG  OD1  doub N N 50  
ASN CG  ND2  sing N N 51  
ASN ND2 HD21 sing N N 52  
ASN ND2 HD22 sing N N 53  
ASN OXT HXT  sing N N 54  
ASP N   CA   sing N N 55  
ASP N   H    sing N N 56  
ASP N   H2   sing N N 57  
ASP CA  C    sing N N 58  
ASP CA  CB   sing N N 59  
ASP CA  HA   sing N N 60  
ASP C   O    doub N N 61  
ASP C   OXT  sing N N 62  
ASP CB  CG   sing N N 63  
ASP CB  HB2  sing N N 64  
ASP CB  HB3  sing N N 65  
ASP CG  OD1  doub N N 66  
ASP CG  OD2  sing N N 67  
ASP OD2 HD2  sing N N 68  
ASP OXT HXT  sing N N 69  
CYS N   CA   sing N N 70  
CYS N   H    sing N N 71  
CYS N   H2   sing N N 72  
CYS CA  C    sing N N 73  
CYS CA  CB   sing N N 74  
CYS CA  HA   sing N N 75  
CYS C   O    doub N N 76  
CYS C   OXT  sing N N 77  
CYS CB  SG   sing N N 78  
CYS CB  HB2  sing N N 79  
CYS CB  HB3  sing N N 80  
CYS SG  HG   sing N N 81  
CYS OXT HXT  sing N N 82  
GLN N   CA   sing N N 83  
GLN N   H    sing N N 84  
GLN N   H2   sing N N 85  
GLN CA  C    sing N N 86  
GLN CA  CB   sing N N 87  
GLN CA  HA   sing N N 88  
GLN C   O    doub N N 89  
GLN C   OXT  sing N N 90  
GLN CB  CG   sing N N 91  
GLN CB  HB2  sing N N 92  
GLN CB  HB3  sing N N 93  
GLN CG  CD   sing N N 94  
GLN CG  HG2  sing N N 95  
GLN CG  HG3  sing N N 96  
GLN CD  OE1  doub N N 97  
GLN CD  NE2  sing N N 98  
GLN NE2 HE21 sing N N 99  
GLN NE2 HE22 sing N N 100 
GLN OXT HXT  sing N N 101 
GLU N   CA   sing N N 102 
GLU N   H    sing N N 103 
GLU N   H2   sing N N 104 
GLU CA  C    sing N N 105 
GLU CA  CB   sing N N 106 
GLU CA  HA   sing N N 107 
GLU C   O    doub N N 108 
GLU C   OXT  sing N N 109 
GLU CB  CG   sing N N 110 
GLU CB  HB2  sing N N 111 
GLU CB  HB3  sing N N 112 
GLU CG  CD   sing N N 113 
GLU CG  HG2  sing N N 114 
GLU CG  HG3  sing N N 115 
GLU CD  OE1  doub N N 116 
GLU CD  OE2  sing N N 117 
GLU OE2 HE2  sing N N 118 
GLU OXT HXT  sing N N 119 
GLY N   CA   sing N N 120 
GLY N   H    sing N N 121 
GLY N   H2   sing N N 122 
GLY CA  C    sing N N 123 
GLY CA  HA2  sing N N 124 
GLY CA  HA3  sing N N 125 
GLY C   O    doub N N 126 
GLY C   OXT  sing N N 127 
GLY OXT HXT  sing N N 128 
HIS N   CA   sing N N 129 
HIS N   H    sing N N 130 
HIS N   H2   sing N N 131 
HIS CA  C    sing N N 132 
HIS CA  CB   sing N N 133 
HIS CA  HA   sing N N 134 
HIS C   O    doub N N 135 
HIS C   OXT  sing N N 136 
HIS CB  CG   sing N N 137 
HIS CB  HB2  sing N N 138 
HIS CB  HB3  sing N N 139 
HIS CG  ND1  sing Y N 140 
HIS CG  CD2  doub Y N 141 
HIS ND1 CE1  doub Y N 142 
HIS ND1 HD1  sing N N 143 
HIS CD2 NE2  sing Y N 144 
HIS CD2 HD2  sing N N 145 
HIS CE1 NE2  sing Y N 146 
HIS CE1 HE1  sing N N 147 
HIS NE2 HE2  sing N N 148 
HIS OXT HXT  sing N N 149 
HOH O   H1   sing N N 150 
HOH O   H2   sing N N 151 
ILE N   CA   sing N N 152 
ILE N   H    sing N N 153 
ILE N   H2   sing N N 154 
ILE CA  C    sing N N 155 
ILE CA  CB   sing N N 156 
ILE CA  HA   sing N N 157 
ILE C   O    doub N N 158 
ILE C   OXT  sing N N 159 
ILE CB  CG1  sing N N 160 
ILE CB  CG2  sing N N 161 
ILE CB  HB   sing N N 162 
ILE CG1 CD1  sing N N 163 
ILE CG1 HG12 sing N N 164 
ILE CG1 HG13 sing N N 165 
ILE CG2 HG21 sing N N 166 
ILE CG2 HG22 sing N N 167 
ILE CG2 HG23 sing N N 168 
ILE CD1 HD11 sing N N 169 
ILE CD1 HD12 sing N N 170 
ILE CD1 HD13 sing N N 171 
ILE OXT HXT  sing N N 172 
LEU N   CA   sing N N 173 
LEU N   H    sing N N 174 
LEU N   H2   sing N N 175 
LEU CA  C    sing N N 176 
LEU CA  CB   sing N N 177 
LEU CA  HA   sing N N 178 
LEU C   O    doub N N 179 
LEU C   OXT  sing N N 180 
LEU CB  CG   sing N N 181 
LEU CB  HB2  sing N N 182 
LEU CB  HB3  sing N N 183 
LEU CG  CD1  sing N N 184 
LEU CG  CD2  sing N N 185 
LEU CG  HG   sing N N 186 
LEU CD1 HD11 sing N N 187 
LEU CD1 HD12 sing N N 188 
LEU CD1 HD13 sing N N 189 
LEU CD2 HD21 sing N N 190 
LEU CD2 HD22 sing N N 191 
LEU CD2 HD23 sing N N 192 
LEU OXT HXT  sing N N 193 
LYS N   CA   sing N N 194 
LYS N   H    sing N N 195 
LYS N   H2   sing N N 196 
LYS CA  C    sing N N 197 
LYS CA  CB   sing N N 198 
LYS CA  HA   sing N N 199 
LYS C   O    doub N N 200 
LYS C   OXT  sing N N 201 
LYS CB  CG   sing N N 202 
LYS CB  HB2  sing N N 203 
LYS CB  HB3  sing N N 204 
LYS CG  CD   sing N N 205 
LYS CG  HG2  sing N N 206 
LYS CG  HG3  sing N N 207 
LYS CD  CE   sing N N 208 
LYS CD  HD2  sing N N 209 
LYS CD  HD3  sing N N 210 
LYS CE  NZ   sing N N 211 
LYS CE  HE2  sing N N 212 
LYS CE  HE3  sing N N 213 
LYS NZ  HZ1  sing N N 214 
LYS NZ  HZ2  sing N N 215 
LYS NZ  HZ3  sing N N 216 
LYS OXT HXT  sing N N 217 
MET N   CA   sing N N 218 
MET N   H    sing N N 219 
MET N   H2   sing N N 220 
MET CA  C    sing N N 221 
MET CA  CB   sing N N 222 
MET CA  HA   sing N N 223 
MET C   O    doub N N 224 
MET C   OXT  sing N N 225 
MET CB  CG   sing N N 226 
MET CB  HB2  sing N N 227 
MET CB  HB3  sing N N 228 
MET CG  SD   sing N N 229 
MET CG  HG2  sing N N 230 
MET CG  HG3  sing N N 231 
MET SD  CE   sing N N 232 
MET CE  HE1  sing N N 233 
MET CE  HE2  sing N N 234 
MET CE  HE3  sing N N 235 
MET OXT HXT  sing N N 236 
PCA N   CA   sing N N 237 
PCA N   CD   sing N N 238 
PCA N   H    sing N N 239 
PCA CA  CB   sing N N 240 
PCA CA  C    sing N N 241 
PCA CA  HA   sing N N 242 
PCA CB  CG   sing N N 243 
PCA CB  HB2  sing N N 244 
PCA CB  HB3  sing N N 245 
PCA CG  CD   sing N N 246 
PCA CG  HG2  sing N N 247 
PCA CG  HG3  sing N N 248 
PCA CD  OE   doub N N 249 
PCA C   O    doub N N 250 
PCA C   OXT  sing N N 251 
PCA OXT HXT  sing N N 252 
PHE N   CA   sing N N 253 
PHE N   H    sing N N 254 
PHE N   H2   sing N N 255 
PHE CA  C    sing N N 256 
PHE CA  CB   sing N N 257 
PHE CA  HA   sing N N 258 
PHE C   O    doub N N 259 
PHE C   OXT  sing N N 260 
PHE CB  CG   sing N N 261 
PHE CB  HB2  sing N N 262 
PHE CB  HB3  sing N N 263 
PHE CG  CD1  doub Y N 264 
PHE CG  CD2  sing Y N 265 
PHE CD1 CE1  sing Y N 266 
PHE CD1 HD1  sing N N 267 
PHE CD2 CE2  doub Y N 268 
PHE CD2 HD2  sing N N 269 
PHE CE1 CZ   doub Y N 270 
PHE CE1 HE1  sing N N 271 
PHE CE2 CZ   sing Y N 272 
PHE CE2 HE2  sing N N 273 
PHE CZ  HZ   sing N N 274 
PHE OXT HXT  sing N N 275 
PRO N   CA   sing N N 276 
PRO N   CD   sing N N 277 
PRO N   H    sing N N 278 
PRO CA  C    sing N N 279 
PRO CA  CB   sing N N 280 
PRO CA  HA   sing N N 281 
PRO C   O    doub N N 282 
PRO C   OXT  sing N N 283 
PRO CB  CG   sing N N 284 
PRO CB  HB2  sing N N 285 
PRO CB  HB3  sing N N 286 
PRO CG  CD   sing N N 287 
PRO CG  HG2  sing N N 288 
PRO CG  HG3  sing N N 289 
PRO CD  HD2  sing N N 290 
PRO CD  HD3  sing N N 291 
PRO OXT HXT  sing N N 292 
SER N   CA   sing N N 293 
SER N   H    sing N N 294 
SER N   H2   sing N N 295 
SER CA  C    sing N N 296 
SER CA  CB   sing N N 297 
SER CA  HA   sing N N 298 
SER C   O    doub N N 299 
SER C   OXT  sing N N 300 
SER CB  OG   sing N N 301 
SER CB  HB2  sing N N 302 
SER CB  HB3  sing N N 303 
SER OG  HG   sing N N 304 
SER OXT HXT  sing N N 305 
THR N   CA   sing N N 306 
THR N   H    sing N N 307 
THR N   H2   sing N N 308 
THR CA  C    sing N N 309 
THR CA  CB   sing N N 310 
THR CA  HA   sing N N 311 
THR C   O    doub N N 312 
THR C   OXT  sing N N 313 
THR CB  OG1  sing N N 314 
THR CB  CG2  sing N N 315 
THR CB  HB   sing N N 316 
THR OG1 HG1  sing N N 317 
THR CG2 HG21 sing N N 318 
THR CG2 HG22 sing N N 319 
THR CG2 HG23 sing N N 320 
THR OXT HXT  sing N N 321 
TRP N   CA   sing N N 322 
TRP N   H    sing N N 323 
TRP N   H2   sing N N 324 
TRP CA  C    sing N N 325 
TRP CA  CB   sing N N 326 
TRP CA  HA   sing N N 327 
TRP C   O    doub N N 328 
TRP C   OXT  sing N N 329 
TRP CB  CG   sing N N 330 
TRP CB  HB2  sing N N 331 
TRP CB  HB3  sing N N 332 
TRP CG  CD1  doub Y N 333 
TRP CG  CD2  sing Y N 334 
TRP CD1 NE1  sing Y N 335 
TRP CD1 HD1  sing N N 336 
TRP CD2 CE2  doub Y N 337 
TRP CD2 CE3  sing Y N 338 
TRP NE1 CE2  sing Y N 339 
TRP NE1 HE1  sing N N 340 
TRP CE2 CZ2  sing Y N 341 
TRP CE3 CZ3  doub Y N 342 
TRP CE3 HE3  sing N N 343 
TRP CZ2 CH2  doub Y N 344 
TRP CZ2 HZ2  sing N N 345 
TRP CZ3 CH2  sing Y N 346 
TRP CZ3 HZ3  sing N N 347 
TRP CH2 HH2  sing N N 348 
TRP OXT HXT  sing N N 349 
TYR N   CA   sing N N 350 
TYR N   H    sing N N 351 
TYR N   H2   sing N N 352 
TYR CA  C    sing N N 353 
TYR CA  CB   sing N N 354 
TYR CA  HA   sing N N 355 
TYR C   O    doub N N 356 
TYR C   OXT  sing N N 357 
TYR CB  CG   sing N N 358 
TYR CB  HB2  sing N N 359 
TYR CB  HB3  sing N N 360 
TYR CG  CD1  doub Y N 361 
TYR CG  CD2  sing Y N 362 
TYR CD1 CE1  sing Y N 363 
TYR CD1 HD1  sing N N 364 
TYR CD2 CE2  doub Y N 365 
TYR CD2 HD2  sing N N 366 
TYR CE1 CZ   doub Y N 367 
TYR CE1 HE1  sing N N 368 
TYR CE2 CZ   sing Y N 369 
TYR CE2 HE2  sing N N 370 
TYR CZ  OH   sing N N 371 
TYR OH  HH   sing N N 372 
TYR OXT HXT  sing N N 373 
VAL N   CA   sing N N 374 
VAL N   H    sing N N 375 
VAL N   H2   sing N N 376 
VAL CA  C    sing N N 377 
VAL CA  CB   sing N N 378 
VAL CA  HA   sing N N 379 
VAL C   O    doub N N 380 
VAL C   OXT  sing N N 381 
VAL CB  CG1  sing N N 382 
VAL CB  CG2  sing N N 383 
VAL CB  HB   sing N N 384 
VAL CG1 HG11 sing N N 385 
VAL CG1 HG12 sing N N 386 
VAL CG1 HG13 sing N N 387 
VAL CG2 HG21 sing N N 388 
VAL CG2 HG22 sing N N 389 
VAL CG2 HG23 sing N N 390 
VAL OXT HXT  sing N N 391 
# 
_pdbx_initial_refinement_model.id               1 
_pdbx_initial_refinement_model.entity_id_list   ? 
_pdbx_initial_refinement_model.type             'experimental model' 
_pdbx_initial_refinement_model.source_name      PDB 
_pdbx_initial_refinement_model.accession_code   1DOK 
_pdbx_initial_refinement_model.details          ? 
# 
_atom_sites.entry_id                    1ESR 
_atom_sites.fract_transf_matrix[1][1]   -0.00740320 
_atom_sites.fract_transf_matrix[1][2]   0.00751846 
_atom_sites.fract_transf_matrix[1][3]   0.01569893 
_atom_sites.fract_transf_matrix[2][1]   0.01111056 
_atom_sites.fract_transf_matrix[2][2]   0.00373636 
_atom_sites.fract_transf_matrix[2][3]   0.01484621 
_atom_sites.fract_transf_matrix[3][1]   0.00148706 
_atom_sites.fract_transf_matrix[3][2]   0.00798321 
_atom_sites.fract_transf_matrix[3][3]   -0.00312202 
_atom_sites.fract_transf_vector[1]      0.265802 
_atom_sites.fract_transf_vector[2]      0.913702 
_atom_sites.fract_transf_vector[3]      0.318157 
# 
loop_
_atom_type.symbol 
C 
N 
O 
S 
# 
loop_
_atom_site.group_PDB 
_atom_site.id 
_atom_site.type_symbol 
_atom_site.label_atom_id 
_atom_site.label_alt_id 
_atom_site.label_comp_id 
_atom_site.label_asym_id 
_atom_site.label_entity_id 
_atom_site.label_seq_id 
_atom_site.pdbx_PDB_ins_code 
_atom_site.Cartn_x 
_atom_site.Cartn_y 
_atom_site.Cartn_z 
_atom_site.occupancy 
_atom_site.B_iso_or_equiv 
_atom_site.pdbx_formal_charge 
_atom_site.auth_seq_id 
_atom_site.auth_comp_id 
_atom_site.auth_asym_id 
_atom_site.auth_atom_id 
_atom_site.pdbx_PDB_model_num 
HETATM 1   N N   . PCA A 1 1  ? 7.663   2.516   -29.200 1.00 88.55  ? 1   PCA A N   1 
HETATM 2   C CA  . PCA A 1 1  ? 7.017   1.641   -28.176 1.00 87.91  ? 1   PCA A CA  1 
HETATM 3   C CB  . PCA A 1 1  ? 7.800   1.793   -26.886 1.00 84.93  ? 1   PCA A CB  1 
HETATM 4   C CG  . PCA A 1 1  ? 8.728   2.931   -27.086 1.00 86.11  ? 1   PCA A CG  1 
HETATM 5   C CD  . PCA A 1 1  ? 8.418   3.552   -28.438 1.00 87.34  ? 1   PCA A CD  1 
HETATM 6   O OE  . PCA A 1 1  ? 8.964   4.576   -28.852 1.00 75.40  ? 1   PCA A OE  1 
HETATM 7   C C   . PCA A 1 1  ? 5.549   1.992   -28.016 1.00 90.99  ? 1   PCA A C   1 
HETATM 8   O O   . PCA A 1 1  ? 5.117   3.010   -28.591 1.00 85.14  ? 1   PCA A O   1 
ATOM   9   N N   . PRO A 1 2  ? 4.739   1.124   -27.407 1.00 91.52  ? 2   PRO A N   1 
ATOM   10  C CA  . PRO A 1 2  ? 3.304   1.420   -27.230 1.00 87.25  ? 2   PRO A CA  1 
ATOM   11  C C   . PRO A 1 2  ? 3.114   2.609   -26.293 1.00 85.43  ? 2   PRO A C   1 
ATOM   12  O O   . PRO A 1 2  ? 4.013   3.013   -25.546 1.00 62.71  ? 2   PRO A O   1 
ATOM   13  C CB  . PRO A 1 2  ? 2.717   0.153   -26.613 1.00 79.91  ? 2   PRO A CB  1 
ATOM   14  C CG  . PRO A 1 2  ? 3.752   -0.899  -26.788 1.00 81.62  ? 2   PRO A CG  1 
ATOM   15  C CD  . PRO A 1 2  ? 5.082   -0.194  -26.843 1.00 86.34  ? 2   PRO A CD  1 
ATOM   16  N N   . ASP A 1 3  ? 1.919   3.194   -26.326 1.00 87.46  ? 3   ASP A N   1 
ATOM   17  C CA  . ASP A 1 3  ? 1.687   4.386   -25.507 1.00 89.41  ? 3   ASP A CA  1 
ATOM   18  C C   . ASP A 1 3  ? 1.578   4.036   -24.022 1.00 80.17  ? 3   ASP A C   1 
ATOM   19  O O   . ASP A 1 3  ? 1.397   4.937   -23.194 1.00 85.30  ? 3   ASP A O   1 
ATOM   20  C CB  . ASP A 1 3  ? 0.455   5.129   -26.025 1.00 93.38  ? 3   ASP A CB  1 
ATOM   21  C CG  . ASP A 1 3  ? 0.599   5.797   -27.375 1.00 92.85  ? 3   ASP A CG  1 
ATOM   22  O OD1 . ASP A 1 3  ? 1.592   5.566   -28.103 1.00 91.39  ? 3   ASP A OD1 1 
ATOM   23  O OD2 . ASP A 1 3  ? -0.308  6.585   -27.754 1.00 90.47  ? 3   ASP A OD2 1 
ATOM   24  N N   . SER A 1 4  ? 1.692   2.765   -23.656 1.00 66.16  ? 4   SER A N   1 
ATOM   25  C CA  . SER A 1 4  ? 1.602   2.290   -22.285 1.00 58.21  ? 4   SER A CA  1 
ATOM   26  C C   . SER A 1 4  ? 2.884   2.548   -21.497 1.00 53.15  ? 4   SER A C   1 
ATOM   27  O O   . SER A 1 4  ? 2.862   2.740   -20.279 1.00 46.71  ? 4   SER A O   1 
ATOM   28  C CB  . SER A 1 4  ? 1.334   0.780   -22.255 1.00 63.55  ? 4   SER A CB  1 
ATOM   29  O OG  . SER A 1 4  ? 2.461   0.098   -22.794 1.00 78.56  ? 4   SER A OG  1 
ATOM   30  N N   . VAL A 1 5  ? 3.997   2.541   -22.205 1.00 44.26  ? 5   VAL A N   1 
ATOM   31  C CA  . VAL A 1 5  ? 5.330   2.839   -21.699 1.00 44.88  ? 5   VAL A CA  1 
ATOM   32  C C   . VAL A 1 5  ? 5.567   4.298   -21.359 1.00 41.37  ? 5   VAL A C   1 
ATOM   33  O O   . VAL A 1 5  ? 6.547   4.747   -20.756 1.00 43.66  ? 5   VAL A O   1 
ATOM   34  C CB  . VAL A 1 5  ? 6.299   2.394   -22.822 1.00 48.08  ? 5   VAL A CB  1 
ATOM   35  C CG1 . VAL A 1 5  ? 7.735   2.693   -22.464 1.00 46.90  ? 5   VAL A CG1 1 
ATOM   36  C CG2 . VAL A 1 5  ? 6.031   0.920   -23.116 1.00 45.34  ? 5   VAL A CG2 1 
ATOM   37  N N   . SER A 1 6  ? 4.652   5.183   -21.752 1.00 31.24  ? 6   SER A N   1 
ATOM   38  C CA  . SER A 1 6  ? 4.850   6.611   -21.469 1.00 31.48  ? 6   SER A CA  1 
ATOM   39  C C   . SER A 1 6  ? 3.771   7.078   -20.501 1.00 28.85  ? 6   SER A C   1 
ATOM   40  O O   . SER A 1 6  ? 3.516   8.250   -20.243 1.00 42.57  ? 6   SER A O   1 
ATOM   41  C CB  . SER A 1 6  ? 4.889   7.398   -22.789 1.00 32.98  ? 6   SER A CB  1 
ATOM   42  O OG  . SER A 1 6  ? 3.624   7.369   -23.452 1.00 43.10  ? 6   SER A OG  1 
ATOM   43  N N   . ILE A 1 7  ? 3.084   6.110   -19.903 1.00 28.43  ? 7   ILE A N   1 
ATOM   44  C CA  . ILE A 1 7  ? 2.162   6.397   -18.811 1.00 29.20  ? 7   ILE A CA  1 
ATOM   45  C C   . ILE A 1 7  ? 3.005   6.656   -17.579 1.00 22.33  ? 7   ILE A C   1 
ATOM   46  O O   . ILE A 1 7  ? 4.044   6.048   -17.327 1.00 23.86  ? 7   ILE A O   1 
ATOM   47  C CB  . ILE A 1 7  ? 1.188   5.233   -18.625 1.00 38.67  ? 7   ILE A CB  1 
ATOM   48  C CG1 . ILE A 1 7  ? 0.416   4.928   -19.918 1.00 52.98  ? 7   ILE A CG1 1 
ATOM   49  C CG2 . ILE A 1 7  ? 0.210   5.441   -17.484 1.00 29.46  ? 7   ILE A CG2 1 
ATOM   50  C CD1 . ILE A 1 7  ? -0.441  3.682   -19.864 1.00 61.15  ? 7   ILE A CD1 1 
ATOM   51  N N   . PRO A 1 8  ? 2.614   7.630   -16.784 1.00 23.06  ? 8   PRO A N   1 
ATOM   52  C CA  . PRO A 1 8  ? 3.350   7.898   -15.548 1.00 27.06  ? 8   PRO A CA  1 
ATOM   53  C C   . PRO A 1 8  ? 3.242   6.733   -14.557 1.00 32.13  ? 8   PRO A C   1 
ATOM   54  O O   . PRO A 1 8  ? 2.255   6.009   -14.542 1.00 23.55  ? 8   PRO A O   1 
ATOM   55  C CB  . PRO A 1 8  ? 2.649   9.117   -14.964 1.00 19.73  ? 8   PRO A CB  1 
ATOM   56  C CG  . PRO A 1 8  ? 1.382   9.241   -15.705 1.00 21.81  ? 8   PRO A CG  1 
ATOM   57  C CD  . PRO A 1 8  ? 1.504   8.546   -17.018 1.00 22.47  ? 8   PRO A CD  1 
ATOM   58  N N   . ILE A 1 9  ? 4.222   6.536   -13.702 1.00 23.88  ? 9   ILE A N   1 
ATOM   59  C CA  . ILE A 1 9  ? 4.231   5.440   -12.733 1.00 18.85  ? 9   ILE A CA  1 
ATOM   60  C C   . ILE A 1 9  ? 4.405   5.936   -11.328 1.00 20.03  ? 9   ILE A C   1 
ATOM   61  O O   . ILE A 1 9  ? 5.309   6.742   -11.067 1.00 21.56  ? 9   ILE A O   1 
ATOM   62  C CB  . ILE A 1 9  ? 5.393   4.506   -13.110 1.00 16.53  ? 9   ILE A CB  1 
ATOM   63  C CG1 . ILE A 1 9  ? 5.115   3.804   -14.445 1.00 16.24  ? 9   ILE A CG1 1 
ATOM   64  C CG2 . ILE A 1 9  ? 5.688   3.512   -12.006 1.00 16.50  ? 9   ILE A CG2 1 
ATOM   65  C CD1 . ILE A 1 9  ? 6.415   3.305   -15.048 1.00 25.97  ? 9   ILE A CD1 1 
ATOM   66  N N   . THR A 1 10 ? 3.548   5.497   -10.417 1.00 16.67  ? 10  THR A N   1 
ATOM   67  C CA  . THR A 1 10 ? 3.668   5.936   -9.013  1.00 19.48  ? 10  THR A CA  1 
ATOM   68  C C   . THR A 1 10 ? 4.528   4.970   -8.231  1.00 21.91  ? 10  THR A C   1 
ATOM   69  O O   . THR A 1 10 ? 4.405   3.746   -8.301  1.00 23.06  ? 10  THR A O   1 
ATOM   70  C CB  . THR A 1 10 ? 2.260   6.089   -8.404  1.00 19.85  ? 10  THR A CB  1 
ATOM   71  O OG1 . THR A 1 10 ? 1.562   7.096   -9.180  1.00 25.02  ? 10  THR A OG1 1 
ATOM   72  C CG2 . THR A 1 10 ? 2.226   6.588   -6.981  1.00 21.32  ? 10  THR A CG2 1 
ATOM   73  N N   . CYS A 1 11 ? 5.465   5.510   -7.467  1.00 22.58  ? 11  CYS A N   1 
ATOM   74  C CA  . CYS A 1 11 ? 6.383   4.722   -6.662  1.00 21.85  ? 11  CYS A CA  1 
ATOM   75  C C   . CYS A 1 11 ? 6.433   5.212   -5.223  1.00 21.61  ? 11  CYS A C   1 
ATOM   76  O O   . CYS A 1 11 ? 5.995   6.312   -4.864  1.00 20.69  ? 11  CYS A O   1 
ATOM   77  C CB  . CYS A 1 11 ? 7.815   4.820   -7.247  1.00 14.09  ? 11  CYS A CB  1 
ATOM   78  S SG  . CYS A 1 11 ? 7.936   4.208   -8.912  1.00 20.00  ? 11  CYS A SG  1 
ATOM   79  N N   . CYS A 1 12 ? 7.047   4.405   -4.378  1.00 19.76  ? 12  CYS A N   1 
ATOM   80  C CA  . CYS A 1 12 ? 7.412   4.787   -3.034  1.00 19.83  ? 12  CYS A CA  1 
ATOM   81  C C   . CYS A 1 12 ? 8.923   4.950   -2.970  1.00 16.66  ? 12  CYS A C   1 
ATOM   82  O O   . CYS A 1 12 ? 9.674   3.961   -3.068  1.00 21.53  ? 12  CYS A O   1 
ATOM   83  C CB  . CYS A 1 12 ? 6.993   3.720   -1.988  1.00 15.80  ? 12  CYS A CB  1 
ATOM   84  S SG  . CYS A 1 12 ? 5.212   3.730   -1.749  1.00 22.62  ? 12  CYS A SG  1 
ATOM   85  N N   . PHE A 1 13 ? 9.408   6.170   -2.746  1.00 17.93  ? 13  PHE A N   1 
ATOM   86  C CA  . PHE A 1 13 ? 10.864  6.332   -2.640  1.00 20.35  ? 13  PHE A CA  1 
ATOM   87  C C   . PHE A 1 13 ? 11.356  6.168   -1.211  1.00 22.55  ? 13  PHE A C   1 
ATOM   88  O O   . PHE A 1 13 ? 12.515  5.857   -0.945  1.00 28.67  ? 13  PHE A O   1 
ATOM   89  C CB  . PHE A 1 13 ? 11.252  7.719   -3.219  1.00 16.98  ? 13  PHE A CB  1 
ATOM   90  C CG  . PHE A 1 13 ? 11.128  7.625   -4.748  1.00 13.07  ? 13  PHE A CG  1 
ATOM   91  C CD1 . PHE A 1 13 ? 12.175  7.189   -5.514  1.00 16.48  ? 13  PHE A CD1 1 
ATOM   92  C CD2 . PHE A 1 13 ? 9.939   7.964   -5.347  1.00 19.72  ? 13  PHE A CD2 1 
ATOM   93  C CE1 . PHE A 1 13 ? 12.052  7.095   -6.885  1.00 18.66  ? 13  PHE A CE1 1 
ATOM   94  C CE2 . PHE A 1 13 ? 9.810   7.896   -6.709  1.00 15.00  ? 13  PHE A CE2 1 
ATOM   95  C CZ  . PHE A 1 13 ? 10.872  7.473   -7.481  1.00 19.76  ? 13  PHE A CZ  1 
ATOM   96  N N   . ASN A 1 14 ? 10.450  6.350   -0.276  1.00 27.09  ? 14  ASN A N   1 
ATOM   97  C CA  . ASN A 1 14 ? 10.603  6.263   1.160   1.00 38.01  ? 14  ASN A CA  1 
ATOM   98  C C   . ASN A 1 14 ? 9.407   5.543   1.791   1.00 37.27  ? 14  ASN A C   1 
ATOM   99  O O   . ASN A 1 14 ? 8.309   5.540   1.240   1.00 29.75  ? 14  ASN A O   1 
ATOM   100 C CB  . ASN A 1 14 ? 10.711  7.658   1.812   1.00 42.40  ? 14  ASN A CB  1 
ATOM   101 C CG  . ASN A 1 14 ? 11.931  8.460   1.397   1.00 49.62  ? 14  ASN A CG  1 
ATOM   102 O OD1 . ASN A 1 14 ? 11.850  9.390   0.583   1.00 49.04  ? 14  ASN A OD1 1 
ATOM   103 N ND2 . ASN A 1 14 ? 13.104  8.137   1.942   1.00 35.84  ? 14  ASN A ND2 1 
ATOM   104 N N   . VAL A 1 15 ? 9.601   4.945   2.954   1.00 35.00  ? 15  VAL A N   1 
ATOM   105 C CA  . VAL A 1 15 ? 8.527   4.249   3.653   1.00 37.70  ? 15  VAL A CA  1 
ATOM   106 C C   . VAL A 1 15 ? 8.354   4.841   5.049   1.00 39.38  ? 15  VAL A C   1 
ATOM   107 O O   . VAL A 1 15 ? 9.342   5.249   5.657   1.00 48.10  ? 15  VAL A O   1 
ATOM   108 C CB  . VAL A 1 15 ? 8.796   2.741   3.783   1.00 33.20  ? 15  VAL A CB  1 
ATOM   109 C CG1 . VAL A 1 15 ? 8.707   2.061   2.427   1.00 24.05  ? 15  VAL A CG1 1 
ATOM   110 C CG2 . VAL A 1 15 ? 10.159  2.470   4.414   1.00 35.63  ? 15  VAL A CG2 1 
ATOM   111 N N   . ILE A 1 16 ? 7.126   4.897   5.555   1.00 33.86  ? 16  ILE A N   1 
ATOM   112 C CA  . ILE A 1 16 ? 6.932   5.529   6.865   1.00 30.54  ? 16  ILE A CA  1 
ATOM   113 C C   . ILE A 1 16 ? 7.754   4.817   7.916   1.00 39.55  ? 16  ILE A C   1 
ATOM   114 O O   . ILE A 1 16 ? 7.958   3.604   7.861   1.00 43.00  ? 16  ILE A O   1 
ATOM   115 C CB  . ILE A 1 16 ? 5.432   5.554   7.204   1.00 31.03  ? 16  ILE A CB  1 
ATOM   116 C CG1 . ILE A 1 16 ? 5.067   6.575   8.276   1.00 31.98  ? 16  ILE A CG1 1 
ATOM   117 C CG2 . ILE A 1 16 ? 4.948   4.162   7.568   1.00 27.11  ? 16  ILE A CG2 1 
ATOM   118 C CD1 . ILE A 1 16 ? 3.878   7.446   7.944   1.00 43.83  ? 16  ILE A CD1 1 
ATOM   119 N N   . ASN A 1 17 ? 8.278   5.536   8.905   1.00 49.86  ? 17  ASN A N   1 
ATOM   120 C CA  . ASN A 1 17 ? 9.115   4.846   9.892   1.00 64.27  ? 17  ASN A CA  1 
ATOM   121 C C   . ASN A 1 17 ? 8.417   4.579   11.219  1.00 69.85  ? 17  ASN A C   1 
ATOM   122 O O   . ASN A 1 17 ? 8.843   3.745   12.023  1.00 78.69  ? 17  ASN A O   1 
ATOM   123 C CB  . ASN A 1 17 ? 10.388  5.661   10.148  1.00 70.13  ? 17  ASN A CB  1 
ATOM   124 C CG  . ASN A 1 17 ? 11.576  4.988   9.480   1.00 79.40  ? 17  ASN A CG  1 
ATOM   125 O OD1 . ASN A 1 17 ? 11.408  3.991   8.778   1.00 97.22  ? 17  ASN A OD1 1 
ATOM   126 N ND2 . ASN A 1 17 ? 12.752  5.541   9.717   1.00 101.71 ? 17  ASN A ND2 1 
ATOM   127 N N   . ARG A 1 18 ? 7.326   5.289   11.465  1.00 69.97  ? 18  ARG A N   1 
ATOM   128 C CA  . ARG A 1 18 ? 6.557   5.066   12.686  1.00 76.38  ? 18  ARG A CA  1 
ATOM   129 C C   . ARG A 1 18 ? 5.359   4.171   12.409  1.00 73.76  ? 18  ARG A C   1 
ATOM   130 O O   . ARG A 1 18 ? 4.714   4.240   11.361  1.00 66.95  ? 18  ARG A O   1 
ATOM   131 C CB  . ARG A 1 18 ? 6.146   6.421   13.271  1.00 82.40  ? 18  ARG A CB  1 
ATOM   132 C CG  . ARG A 1 18 ? 5.145   7.228   12.455  1.00 87.81  ? 18  ARG A CG  1 
ATOM   133 C CD  . ARG A 1 18 ? 4.148   7.960   13.340  1.00 97.29  ? 18  ARG A CD  1 
ATOM   134 N NE  . ARG A 1 18 ? 3.206   8.777   12.578  1.00 108.00 ? 18  ARG A NE  1 
ATOM   135 C CZ  . ARG A 1 18 ? 2.036   9.216   13.034  1.00 116.15 ? 18  ARG A CZ  1 
ATOM   136 N NH1 . ARG A 1 18 ? 1.642   8.931   14.272  1.00 114.14 ? 18  ARG A NH1 1 
ATOM   137 N NH2 . ARG A 1 18 ? 1.248   9.957   12.242  1.00 132.25 ? 18  ARG A NH2 1 
ATOM   138 N N   . LYS A 1 19 ? 4.975   3.278   13.325  1.00 68.62  ? 19  LYS A N   1 
ATOM   139 C CA  . LYS A 1 19 ? 3.760   2.507   12.989  1.00 60.66  ? 19  LYS A CA  1 
ATOM   140 C C   . LYS A 1 19 ? 2.543   3.419   13.071  1.00 47.33  ? 19  LYS A C   1 
ATOM   141 O O   . LYS A 1 19 ? 2.429   4.387   13.818  1.00 49.48  ? 19  LYS A O   1 
ATOM   142 C CB  . LYS A 1 19 ? 3.692   1.255   13.851  1.00 54.72  ? 19  LYS A CB  1 
ATOM   143 C CG  . LYS A 1 19 ? 2.964   1.338   15.162  1.00 57.30  ? 19  LYS A CG  1 
ATOM   144 C CD  . LYS A 1 19 ? 3.583   2.308   16.145  1.00 64.44  ? 19  LYS A CD  1 
ATOM   145 C CE  . LYS A 1 19 ? 4.546   1.656   17.125  1.00 63.10  ? 19  LYS A CE  1 
ATOM   146 N NZ  . LYS A 1 19 ? 4.604   2.401   18.420  1.00 59.94  ? 19  LYS A NZ  1 
ATOM   147 N N   . ILE A 1 20 ? 1.555   3.156   12.227  1.00 41.32  ? 20  ILE A N   1 
ATOM   148 C CA  . ILE A 1 20 ? 0.319   3.928   12.188  1.00 49.82  ? 20  ILE A CA  1 
ATOM   149 C C   . ILE A 1 20 ? -0.816  3.080   12.765  1.00 60.42  ? 20  ILE A C   1 
ATOM   150 O O   . ILE A 1 20 ? -0.874  1.871   12.509  1.00 71.81  ? 20  ILE A O   1 
ATOM   151 C CB  . ILE A 1 20 ? -0.032  4.355   10.752  1.00 43.70  ? 20  ILE A CB  1 
ATOM   152 C CG1 . ILE A 1 20 ? 0.996   5.320   10.142  1.00 47.88  ? 20  ILE A CG1 1 
ATOM   153 C CG2 . ILE A 1 20 ? -1.445  4.925   10.629  1.00 32.88  ? 20  ILE A CG2 1 
ATOM   154 C CD1 . ILE A 1 20 ? 1.126   5.156   8.641   1.00 58.33  ? 20  ILE A CD1 1 
ATOM   155 N N   . PRO A 1 21 ? -1.710  3.672   13.540  1.00 56.34  ? 21  PRO A N   1 
ATOM   156 C CA  . PRO A 1 21 ? -2.808  2.893   14.131  1.00 49.13  ? 21  PRO A CA  1 
ATOM   157 C C   . PRO A 1 21 ? -3.709  2.338   13.027  1.00 50.44  ? 21  PRO A C   1 
ATOM   158 O O   . PRO A 1 21 ? -4.190  3.097   12.175  1.00 45.46  ? 21  PRO A O   1 
ATOM   159 C CB  . PRO A 1 21 ? -3.540  3.908   14.997  1.00 44.98  ? 21  PRO A CB  1 
ATOM   160 C CG  . PRO A 1 21 ? -2.525  4.987   15.242  1.00 46.40  ? 21  PRO A CG  1 
ATOM   161 C CD  . PRO A 1 21 ? -1.769  5.090   13.936  1.00 50.47  ? 21  PRO A CD  1 
ATOM   162 N N   . ILE A 1 22 ? -3.866  1.019   13.119  1.00 48.31  ? 22  ILE A N   1 
ATOM   163 C CA  . ILE A 1 22 ? -4.585  0.181   12.168  1.00 39.43  ? 22  ILE A CA  1 
ATOM   164 C C   . ILE A 1 22 ? -6.008  0.682   11.965  1.00 35.39  ? 22  ILE A C   1 
ATOM   165 O O   . ILE A 1 22 ? -6.530  0.496   10.861  1.00 40.04  ? 22  ILE A O   1 
ATOM   166 C CB  . ILE A 1 22 ? -4.626  -1.308  12.567  1.00 45.76  ? 22  ILE A CB  1 
ATOM   167 C CG1 . ILE A 1 22 ? -3.280  -1.961  12.885  1.00 54.48  ? 22  ILE A CG1 1 
ATOM   168 C CG2 . ILE A 1 22 ? -5.319  -2.133  11.488  1.00 47.53  ? 22  ILE A CG2 1 
ATOM   169 C CD1 . ILE A 1 22 ? -2.143  -1.542  11.977  1.00 59.25  ? 22  ILE A CD1 1 
ATOM   170 N N   . GLN A 1 23 ? -6.664  1.295   12.960  1.00 40.27  ? 23  GLN A N   1 
ATOM   171 C CA  . GLN A 1 23 ? -8.050  1.704   12.734  1.00 48.51  ? 23  GLN A CA  1 
ATOM   172 C C   . GLN A 1 23 ? -8.100  2.885   11.757  1.00 41.51  ? 23  GLN A C   1 
ATOM   173 O O   . GLN A 1 23 ? -9.184  3.127   11.240  1.00 37.32  ? 23  GLN A O   1 
ATOM   174 C CB  . GLN A 1 23 ? -8.826  2.071   13.993  1.00 57.77  ? 23  GLN A CB  1 
ATOM   175 C CG  . GLN A 1 23 ? -8.329  3.289   14.741  1.00 61.27  ? 23  GLN A CG  1 
ATOM   176 C CD  . GLN A 1 23 ? -7.218  2.855   15.691  1.00 64.62  ? 23  GLN A CD  1 
ATOM   177 O OE1 . GLN A 1 23 ? -6.490  1.908   15.391  1.00 55.71  ? 23  GLN A OE1 1 
ATOM   178 N NE2 . GLN A 1 23 ? -7.108  3.546   16.813  1.00 80.15  ? 23  GLN A NE2 1 
ATOM   179 N N   . ARG A 1 24 ? -6.950  3.495   11.546  1.00 41.49  ? 24  ARG A N   1 
ATOM   180 C CA  . ARG A 1 24 ? -6.741  4.570   10.587  1.00 40.08  ? 24  ARG A CA  1 
ATOM   181 C C   . ARG A 1 24 ? -6.646  4.082   9.156   1.00 36.69  ? 24  ARG A C   1 
ATOM   182 O O   . ARG A 1 24 ? -7.058  4.752   8.214   1.00 34.21  ? 24  ARG A O   1 
ATOM   183 C CB  . ARG A 1 24 ? -5.429  5.283   10.949  1.00 45.64  ? 24  ARG A CB  1 
ATOM   184 C CG  . ARG A 1 24 ? -5.643  6.357   12.009  1.00 50.65  ? 24  ARG A CG  1 
ATOM   185 C CD  . ARG A 1 24 ? -7.121  6.708   12.132  1.00 56.69  ? 24  ARG A CD  1 
ATOM   186 N NE  . ARG A 1 24 ? -7.382  7.623   13.244  1.00 66.78  ? 24  ARG A NE  1 
ATOM   187 C CZ  . ARG A 1 24 ? -8.258  8.620   13.171  1.00 76.73  ? 24  ARG A CZ  1 
ATOM   188 N NH1 . ARG A 1 24 ? -8.924  8.787   12.033  1.00 82.10  ? 24  ARG A NH1 1 
ATOM   189 N NH2 . ARG A 1 24 ? -8.471  9.429   14.203  1.00 84.02  ? 24  ARG A NH2 1 
ATOM   190 N N   . LEU A 1 25 ? -6.075  2.892   8.979   1.00 42.66  ? 25  LEU A N   1 
ATOM   191 C CA  . LEU A 1 25 ? -5.843  2.318   7.652   1.00 37.00  ? 25  LEU A CA  1 
ATOM   192 C C   . LEU A 1 25 ? -7.095  1.721   7.052   1.00 40.22  ? 25  LEU A C   1 
ATOM   193 O O   . LEU A 1 25 ? -7.705  0.827   7.650   1.00 54.04  ? 25  LEU A O   1 
ATOM   194 C CB  . LEU A 1 25 ? -4.715  1.282   7.794   1.00 30.11  ? 25  LEU A CB  1 
ATOM   195 C CG  . LEU A 1 25 ? -3.530  1.807   8.616   1.00 31.52  ? 25  LEU A CG  1 
ATOM   196 C CD1 . LEU A 1 25 ? -2.463  0.739   8.815   1.00 29.77  ? 25  LEU A CD1 1 
ATOM   197 C CD2 . LEU A 1 25 ? -2.963  3.049   7.940   1.00 30.53  ? 25  LEU A CD2 1 
ATOM   198 N N   . GLU A 1 26 ? -7.528  2.177   5.874   1.00 32.71  ? 26  GLU A N   1 
ATOM   199 C CA  . GLU A 1 26 ? -8.775  1.665   5.305   1.00 32.71  ? 26  GLU A CA  1 
ATOM   200 C C   . GLU A 1 26 ? -8.604  0.766   4.096   1.00 30.57  ? 26  GLU A C   1 
ATOM   201 O O   . GLU A 1 26 ? -9.537  0.082   3.632   1.00 25.35  ? 26  GLU A O   1 
ATOM   202 C CB  . GLU A 1 26 ? -9.633  2.885   4.935   1.00 44.14  ? 26  GLU A CB  1 
ATOM   203 C CG  . GLU A 1 26 ? -10.956 2.585   4.268   1.00 72.92  ? 26  GLU A CG  1 
ATOM   204 C CD  . GLU A 1 26 ? -10.943 2.627   2.747   1.00 95.18  ? 26  GLU A CD  1 
ATOM   205 O OE1 . GLU A 1 26 ? -10.092 3.353   2.185   1.00 108.51 ? 26  GLU A OE1 1 
ATOM   206 O OE2 . GLU A 1 26 ? -11.743 1.887   2.131   1.00 120.63 ? 26  GLU A OE2 1 
ATOM   207 N N   . SER A 1 27 ? -7.430  0.780   3.476   1.00 27.40  ? 27  SER A N   1 
ATOM   208 C CA  . SER A 1 27 ? -7.221  0.038   2.236   1.00 25.40  ? 27  SER A CA  1 
ATOM   209 C C   . SER A 1 27 ? -5.732  0.114   1.893   1.00 25.37  ? 27  SER A C   1 
ATOM   210 O O   . SER A 1 27 ? -5.017  0.910   2.510   1.00 28.85  ? 27  SER A O   1 
ATOM   211 C CB  . SER A 1 27 ? -8.055  0.570   1.072   1.00 28.94  ? 27  SER A CB  1 
ATOM   212 O OG  . SER A 1 27 ? -7.619  1.857   0.658   1.00 32.93  ? 27  SER A OG  1 
ATOM   213 N N   . TYR A 1 28 ? -5.326  -0.717  0.938   1.00 23.44  ? 28  TYR A N   1 
ATOM   214 C CA  . TYR A 1 28 ? -3.919  -0.641  0.543   1.00 23.67  ? 28  TYR A CA  1 
ATOM   215 C C   . TYR A 1 28 ? -3.788  -1.141  -0.880  1.00 23.88  ? 28  TYR A C   1 
ATOM   216 O O   . TYR A 1 28 ? -4.648  -1.901  -1.313  1.00 24.18  ? 28  TYR A O   1 
ATOM   217 C CB  . TYR A 1 28 ? -2.989  -1.424  1.476   1.00 29.26  ? 28  TYR A CB  1 
ATOM   218 C CG  . TYR A 1 28 ? -2.975  -2.919  1.251   1.00 35.45  ? 28  TYR A CG  1 
ATOM   219 C CD1 . TYR A 1 28 ? -3.941  -3.722  1.851   1.00 37.40  ? 28  TYR A CD1 1 
ATOM   220 C CD2 . TYR A 1 28 ? -2.006  -3.543  0.469   1.00 31.72  ? 28  TYR A CD2 1 
ATOM   221 C CE1 . TYR A 1 28 ? -3.930  -5.093  1.654   1.00 33.40  ? 28  TYR A CE1 1 
ATOM   222 C CE2 . TYR A 1 28 ? -1.985  -4.900  0.253   1.00 30.89  ? 28  TYR A CE2 1 
ATOM   223 C CZ  . TYR A 1 28 ? -2.963  -5.666  0.861   1.00 36.09  ? 28  TYR A CZ  1 
ATOM   224 O OH  . TYR A 1 28 ? -2.935  -7.027  0.652   1.00 33.03  ? 28  TYR A OH  1 
ATOM   225 N N   . THR A 1 29 ? -2.700  -0.706  -1.521  1.00 26.33  ? 29  THR A N   1 
ATOM   226 C CA  . THR A 1 29 ? -2.317  -1.212  -2.828  1.00 27.45  ? 29  THR A CA  1 
ATOM   227 C C   . THR A 1 29 ? -0.819  -1.512  -2.753  1.00 21.72  ? 29  THR A C   1 
ATOM   228 O O   . THR A 1 29 ? -0.157  -1.087  -1.825  1.00 25.25  ? 29  THR A O   1 
ATOM   229 C CB  . THR A 1 29 ? -2.532  -0.300  -4.037  1.00 37.23  ? 29  THR A CB  1 
ATOM   230 O OG1 . THR A 1 29 ? -1.961  0.971   -3.705  1.00 29.25  ? 29  THR A OG1 1 
ATOM   231 C CG2 . THR A 1 29 ? -4.008  -0.097  -4.343  1.00 39.56  ? 29  THR A CG2 1 
ATOM   232 N N   . ARG A 1 30 ? -0.375  -2.266  -3.744  1.00 21.84  ? 30  ARG A N   1 
ATOM   233 C CA  . ARG A 1 30 ? 1.021   -2.664  -3.757  1.00 25.97  ? 30  ARG A CA  1 
ATOM   234 C C   . ARG A 1 30 ? 1.750   -1.859  -4.826  1.00 17.49  ? 30  ARG A C   1 
ATOM   235 O O   . ARG A 1 30 ? 1.110   -1.723  -5.861  1.00 20.56  ? 30  ARG A O   1 
ATOM   236 C CB  . ARG A 1 30 ? 1.165   -4.164  -4.077  1.00 31.64  ? 30  ARG A CB  1 
ATOM   237 C CG  . ARG A 1 30 ? 0.755   -5.080  -2.942  1.00 34.98  ? 30  ARG A CG  1 
ATOM   238 C CD  . ARG A 1 30 ? 0.747   -6.556  -3.293  1.00 48.81  ? 30  ARG A CD  1 
ATOM   239 N NE  . ARG A 1 30 ? -0.071  -7.335  -2.360  1.00 50.88  ? 30  ARG A NE  1 
ATOM   240 C CZ  . ARG A 1 30 ? 0.372   -8.065  -1.349  1.00 55.17  ? 30  ARG A CZ  1 
ATOM   241 N NH1 . ARG A 1 30 ? 1.667   -8.169  -1.073  1.00 58.23  ? 30  ARG A NH1 1 
ATOM   242 N NH2 . ARG A 1 30 ? -0.505  -8.712  -0.592  1.00 52.80  ? 30  ARG A NH2 1 
ATOM   243 N N   . ILE A 1 31 ? 2.967   -1.423  -4.584  1.00 21.27  ? 31  ILE A N   1 
ATOM   244 C CA  . ILE A 1 31 ? 3.807   -0.974  -5.689  1.00 17.97  ? 31  ILE A CA  1 
ATOM   245 C C   . ILE A 1 31 ? 4.116   -2.198  -6.543  1.00 21.91  ? 31  ILE A C   1 
ATOM   246 O O   . ILE A 1 31 ? 4.527   -3.230  -5.996  1.00 23.59  ? 31  ILE A O   1 
ATOM   247 C CB  . ILE A 1 31 ? 5.124   -0.377  -5.177  1.00 20.34  ? 31  ILE A CB  1 
ATOM   248 C CG1 . ILE A 1 31 ? 4.921   0.935   -4.433  1.00 20.71  ? 31  ILE A CG1 1 
ATOM   249 C CG2 . ILE A 1 31 ? 6.093   -0.217  -6.332  1.00 19.64  ? 31  ILE A CG2 1 
ATOM   250 C CD1 . ILE A 1 31 ? 4.100   1.940   -5.232  1.00 19.92  ? 31  ILE A CD1 1 
ATOM   251 N N   . THR A 1 32 ? 3.942   -2.153  -7.859  1.00 18.15  ? 32  THR A N   1 
ATOM   252 C CA  . THR A 1 32 ? 4.189   -3.322  -8.684  1.00 18.02  ? 32  THR A CA  1 
ATOM   253 C C   . THR A 1 32 ? 5.185   -3.041  -9.791  1.00 17.83  ? 32  THR A C   1 
ATOM   254 O O   . THR A 1 32 ? 5.597   -3.981  -10.466 1.00 20.43  ? 32  THR A O   1 
ATOM   255 C CB  . THR A 1 32 ? 2.890   -3.805  -9.374  1.00 25.68  ? 32  THR A CB  1 
ATOM   256 O OG1 . THR A 1 32 ? 2.292   -2.714  -10.087 1.00 27.79  ? 32  THR A OG1 1 
ATOM   257 C CG2 . THR A 1 32 ? 1.879   -4.249  -8.344  1.00 27.85  ? 32  THR A CG2 1 
ATOM   258 N N   . ASN A 1 33 ? 5.567   -1.772  -10.006 1.00 18.90  ? 33  ASN A N   1 
ATOM   259 C CA  . ASN A 1 33 ? 6.340   -1.522  -11.238 1.00 17.17  ? 33  ASN A CA  1 
ATOM   260 C C   . ASN A 1 33 ? 7.822   -1.608  -10.969 1.00 13.50  ? 33  ASN A C   1 
ATOM   261 O O   . ASN A 1 33 ? 8.365   -1.033  -10.033 1.00 15.60  ? 33  ASN A O   1 
ATOM   262 C CB  . ASN A 1 33 ? 6.028   -0.154  -11.864 1.00 22.69  ? 33  ASN A CB  1 
ATOM   263 C CG  . ASN A 1 33 ? 6.671   -0.075  -13.240 1.00 25.39  ? 33  ASN A CG  1 
ATOM   264 O OD1 . ASN A 1 33 ? 7.891   -0.059  -13.437 1.00 28.15  ? 33  ASN A OD1 1 
ATOM   265 N ND2 . ASN A 1 33 ? 5.789   -0.044  -14.241 1.00 28.35  ? 33  ASN A ND2 1 
ATOM   266 N N   . ILE A 1 34 ? 8.500   -2.402  -11.803 1.00 15.86  ? 34  ILE A N   1 
ATOM   267 C CA  . ILE A 1 34 ? 9.912   -2.645  -11.576 1.00 13.90  ? 34  ILE A CA  1 
ATOM   268 C C   . ILE A 1 34 ? 10.757  -1.374  -11.675 1.00 24.20  ? 34  ILE A C   1 
ATOM   269 O O   . ILE A 1 34 ? 11.905  -1.419  -11.228 1.00 15.68  ? 34  ILE A O   1 
ATOM   270 C CB  . ILE A 1 34 ? 10.446  -3.640  -12.617 1.00 19.68  ? 34  ILE A CB  1 
ATOM   271 C CG1 . ILE A 1 34 ? 11.792  -4.251  -12.178 1.00 17.34  ? 34  ILE A CG1 1 
ATOM   272 C CG2 . ILE A 1 34 ? 10.564  -3.046  -14.033 1.00 20.15  ? 34  ILE A CG2 1 
ATOM   273 C CD1 . ILE A 1 34 ? 12.089  -5.404  -13.132 1.00 19.44  ? 34  ILE A CD1 1 
ATOM   274 N N   . GLN A 1 35 ? 10.200  -0.310  -12.248 1.00 26.07  ? 35  GLN A N   1 
ATOM   275 C CA  . GLN A 1 35 ? 10.918  0.966   -12.374 1.00 28.81  ? 35  GLN A CA  1 
ATOM   276 C C   . GLN A 1 35 ? 11.087  1.585   -10.995 1.00 23.97  ? 35  GLN A C   1 
ATOM   277 O O   . GLN A 1 35 ? 11.990  2.371   -10.738 1.00 24.17  ? 35  GLN A O   1 
ATOM   278 C CB  . GLN A 1 35 ? 10.181  1.952   -13.284 1.00 27.87  ? 35  GLN A CB  1 
ATOM   279 C CG  . GLN A 1 35 ? 9.893   1.435   -14.690 1.00 28.14  ? 35  GLN A CG  1 
ATOM   280 C CD  . GLN A 1 35 ? 11.074  1.788   -15.572 1.00 46.14  ? 35  GLN A CD  1 
ATOM   281 O OE1 . GLN A 1 35 ? 12.210  1.733   -15.087 1.00 88.65  ? 35  GLN A OE1 1 
ATOM   282 N NE2 . GLN A 1 35 ? 10.816  2.153   -16.816 1.00 42.53  ? 35  GLN A NE2 1 
ATOM   283 N N   . CYS A 1 36 ? 10.172  1.218   -10.098 1.00 14.61  ? 36  CYS A N   1 
ATOM   284 C CA  . CYS A 1 36 ? 10.233  1.763   -8.743  1.00 11.47  ? 36  CYS A CA  1 
ATOM   285 C C   . CYS A 1 36 ? 11.392  1.172   -7.964  1.00 14.93  ? 36  CYS A C   1 
ATOM   286 O O   . CYS A 1 36 ? 11.856  0.088   -8.265  1.00 21.83  ? 36  CYS A O   1 
ATOM   287 C CB  . CYS A 1 36 ? 8.909   1.516   -8.007  1.00 18.72  ? 36  CYS A CB  1 
ATOM   288 S SG  . CYS A 1 36 ? 7.469   2.231   -8.836  1.00 19.99  ? 36  CYS A SG  1 
ATOM   289 N N   . PRO A 1 37 ? 11.903  1.918   -6.990  1.00 18.63  ? 37  PRO A N   1 
ATOM   290 C CA  . PRO A 1 37 ? 13.100  1.502   -6.268  1.00 27.52  ? 37  PRO A CA  1 
ATOM   291 C C   . PRO A 1 37 ? 12.874  0.492   -5.150  1.00 27.53  ? 37  PRO A C   1 
ATOM   292 O O   . PRO A 1 37 ? 13.777  -0.197  -4.685  1.00 24.01  ? 37  PRO A O   1 
ATOM   293 C CB  . PRO A 1 37 ? 13.578  2.825   -5.638  1.00 19.55  ? 37  PRO A CB  1 
ATOM   294 C CG  . PRO A 1 37 ? 12.379  3.678   -5.542  1.00 18.89  ? 37  PRO A CG  1 
ATOM   295 C CD  . PRO A 1 37 ? 11.379  3.212   -6.551  1.00 16.58  ? 37  PRO A CD  1 
ATOM   296 N N   . LYS A 1 38 ? 11.634  0.388   -4.672  1.00 25.44  ? 38  LYS A N   1 
ATOM   297 C CA  . LYS A 1 38 ? 11.487  -0.584  -3.594  1.00 28.15  ? 38  LYS A CA  1 
ATOM   298 C C   . LYS A 1 38 ? 10.085  -1.153  -3.502  1.00 27.38  ? 38  LYS A C   1 
ATOM   299 O O   . LYS A 1 38 ? 9.053   -0.601  -3.882  1.00 16.55  ? 38  LYS A O   1 
ATOM   300 C CB  . LYS A 1 38 ? 11.872  0.085   -2.278  1.00 32.64  ? 38  LYS A CB  1 
ATOM   301 C CG  . LYS A 1 38 ? 10.812  1.074   -1.821  1.00 35.67  ? 38  LYS A CG  1 
ATOM   302 C CD  . LYS A 1 38 ? 11.512  2.074   -0.886  1.00 45.43  ? 38  LYS A CD  1 
ATOM   303 C CE  . LYS A 1 38 ? 12.998  2.080   -1.214  1.00 43.50  ? 38  LYS A CE  1 
ATOM   304 N NZ  . LYS A 1 38 ? 13.821  2.347   -0.001  1.00 57.99  ? 38  LYS A NZ  1 
ATOM   305 N N   . GLU A 1 39 ? 10.060  -2.370  -2.956  1.00 24.82  ? 39  GLU A N   1 
ATOM   306 C CA  . GLU A 1 39 ? 8.781   -3.061  -2.775  1.00 27.36  ? 39  GLU A CA  1 
ATOM   307 C C   . GLU A 1 39 ? 8.118   -2.354  -1.611  1.00 27.06  ? 39  GLU A C   1 
ATOM   308 O O   . GLU A 1 39 ? 8.765   -2.002  -0.618  1.00 33.53  ? 39  GLU A O   1 
ATOM   309 C CB  . GLU A 1 39 ? 9.041   -4.545  -2.564  1.00 27.84  ? 39  GLU A CB  1 
ATOM   310 C CG  . GLU A 1 39 ? 9.377   -5.216  -3.890  1.00 32.05  ? 39  GLU A CG  1 
ATOM   311 C CD  . GLU A 1 39 ? 9.099   -6.710  -3.889  1.00 46.58  ? 39  GLU A CD  1 
ATOM   312 O OE1 . GLU A 1 39 ? 7.966   -7.114  -3.547  1.00 68.25  ? 39  GLU A OE1 1 
ATOM   313 O OE2 . GLU A 1 39 ? 10.014  -7.484  -4.236  1.00 48.25  ? 39  GLU A OE2 1 
ATOM   314 N N   . ALA A 1 40 ? 6.828   -2.084  -1.801  1.00 23.53  ? 40  ALA A N   1 
ATOM   315 C CA  . ALA A 1 40 ? 6.171   -1.331  -0.735  1.00 18.32  ? 40  ALA A CA  1 
ATOM   316 C C   . ALA A 1 40 ? 4.670   -1.415  -0.935  1.00 11.10  ? 40  ALA A C   1 
ATOM   317 O O   . ALA A 1 40 ? 4.219   -1.777  -2.024  1.00 18.75  ? 40  ALA A O   1 
ATOM   318 C CB  . ALA A 1 40 ? 6.631   0.130   -0.759  1.00 26.56  ? 40  ALA A CB  1 
ATOM   319 N N   . VAL A 1 41 ? 3.964   -1.021  0.121   1.00 21.15  ? 41  VAL A N   1 
ATOM   320 C CA  . VAL A 1 41 ? 2.520   -0.860  0.026   1.00 29.27  ? 41  VAL A CA  1 
ATOM   321 C C   . VAL A 1 41 ? 2.171   0.605   0.288   1.00 20.41  ? 41  VAL A C   1 
ATOM   322 O O   . VAL A 1 41 ? 2.836   1.339   0.982   1.00 20.72  ? 41  VAL A O   1 
ATOM   323 C CB  . VAL A 1 41 ? 1.700   -1.763  0.970   1.00 27.42  ? 41  VAL A CB  1 
ATOM   324 C CG1 . VAL A 1 41 ? 2.106   -3.216  0.729   1.00 32.65  ? 41  VAL A CG1 1 
ATOM   325 C CG2 . VAL A 1 41 ? 1.898   -1.423  2.427   1.00 18.48  ? 41  VAL A CG2 1 
ATOM   326 N N   . ILE A 1 42 ? 1.072   0.990   -0.341  1.00 23.55  ? 42  ILE A N   1 
ATOM   327 C CA  . ILE A 1 42 ? 0.519   2.308   -0.097  1.00 26.83  ? 42  ILE A CA  1 
ATOM   328 C C   . ILE A 1 42 ? -0.806  2.141   0.661   1.00 25.73  ? 42  ILE A C   1 
ATOM   329 O O   . ILE A 1 42 ? -1.769  1.677   0.070   1.00 23.19  ? 42  ILE A O   1 
ATOM   330 C CB  . ILE A 1 42 ? 0.274   3.044   -1.414  1.00 24.30  ? 42  ILE A CB  1 
ATOM   331 C CG1 . ILE A 1 42 ? 1.562   3.297   -2.227  1.00 20.86  ? 42  ILE A CG1 1 
ATOM   332 C CG2 . ILE A 1 42 ? -0.492  4.336   -1.207  1.00 22.73  ? 42  ILE A CG2 1 
ATOM   333 C CD1 . ILE A 1 42 ? 1.177   3.601   -3.678  1.00 27.33  ? 42  ILE A CD1 1 
ATOM   334 N N   . PHE A 1 43 ? -0.844  2.524   1.932   1.00 24.61  ? 43  PHE A N   1 
ATOM   335 C CA  . PHE A 1 43 ? -2.086  2.524   2.678   1.00 30.24  ? 43  PHE A CA  1 
ATOM   336 C C   . PHE A 1 43 ? -2.915  3.775   2.416   1.00 36.21  ? 43  PHE A C   1 
ATOM   337 O O   . PHE A 1 43 ? -2.351  4.875   2.344   1.00 30.46  ? 43  PHE A O   1 
ATOM   338 C CB  . PHE A 1 43 ? -1.792  2.475   4.180   1.00 32.12  ? 43  PHE A CB  1 
ATOM   339 C CG  . PHE A 1 43 ? -1.296  1.136   4.696   1.00 27.41  ? 43  PHE A CG  1 
ATOM   340 C CD1 . PHE A 1 43 ? -2.097  0.013   4.574   1.00 29.16  ? 43  PHE A CD1 1 
ATOM   341 C CD2 . PHE A 1 43 ? -0.054  1.031   5.294   1.00 21.74  ? 43  PHE A CD2 1 
ATOM   342 C CE1 . PHE A 1 43 ? -1.604  -1.192  5.062   1.00 27.78  ? 43  PHE A CE1 1 
ATOM   343 C CE2 . PHE A 1 43 ? 0.436   -0.172  5.775   1.00 23.43  ? 43  PHE A CE2 1 
ATOM   344 C CZ  . PHE A 1 43 ? -0.358  -1.300  5.639   1.00 23.84  ? 43  PHE A CZ  1 
ATOM   345 N N   . LYS A 1 44 ? -4.228  3.610   2.322   1.00 26.62  ? 44  LYS A N   1 
ATOM   346 C CA  . LYS A 1 44 ? -5.096  4.787   2.260   1.00 32.88  ? 44  LYS A CA  1 
ATOM   347 C C   . LYS A 1 44 ? -5.747  4.993   3.621   1.00 39.98  ? 44  LYS A C   1 
ATOM   348 O O   . LYS A 1 44 ? -6.461  4.129   4.126   1.00 33.50  ? 44  LYS A O   1 
ATOM   349 C CB  . LYS A 1 44 ? -6.125  4.604   1.152   1.00 45.22  ? 44  LYS A CB  1 
ATOM   350 C CG  . LYS A 1 44 ? -6.800  5.867   0.661   1.00 58.43  ? 44  LYS A CG  1 
ATOM   351 C CD  . LYS A 1 44 ? -6.880  5.932   -0.856  1.00 65.88  ? 44  LYS A CD  1 
ATOM   352 C CE  . LYS A 1 44 ? -8.112  6.681   -1.336  1.00 72.04  ? 44  LYS A CE  1 
ATOM   353 N NZ  . LYS A 1 44 ? -8.135  8.116   -0.935  1.00 77.43  ? 44  LYS A NZ  1 
ATOM   354 N N   . THR A 1 45 ? -5.540  6.119   4.311   1.00 38.60  ? 45  THR A N   1 
ATOM   355 C CA  . THR A 1 45 ? -6.216  6.301   5.590   1.00 36.77  ? 45  THR A CA  1 
ATOM   356 C C   . THR A 1 45 ? -7.681  6.699   5.427   1.00 38.88  ? 45  THR A C   1 
ATOM   357 O O   . THR A 1 45 ? -8.205  6.916   4.337   1.00 39.58  ? 45  THR A O   1 
ATOM   358 C CB  . THR A 1 45 ? -5.571  7.375   6.482   1.00 33.98  ? 45  THR A CB  1 
ATOM   359 O OG1 . THR A 1 45 ? -5.820  8.654   5.878   1.00 58.18  ? 45  THR A OG1 1 
ATOM   360 C CG2 . THR A 1 45 ? -4.068  7.208   6.564   1.00 42.90  ? 45  THR A CG2 1 
ATOM   361 N N   . GLN A 1 46 ? -8.346  6.785   6.576   1.00 47.70  ? 46  GLN A N   1 
ATOM   362 C CA  . GLN A 1 46 ? -9.757  7.118   6.683   1.00 51.31  ? 46  GLN A CA  1 
ATOM   363 C C   . GLN A 1 46 ? -10.056 8.458   6.007   1.00 57.83  ? 46  GLN A C   1 
ATOM   364 O O   . GLN A 1 46 ? -11.022 8.587   5.259   1.00 69.79  ? 46  GLN A O   1 
ATOM   365 C CB  . GLN A 1 46 ? -10.143 7.166   8.162   1.00 56.58  ? 46  GLN A CB  1 
ATOM   366 C CG  . GLN A 1 46 ? -9.934  5.851   8.900   1.00 69.68  ? 46  GLN A CG  1 
ATOM   367 C CD  . GLN A 1 46 ? -10.475 5.882   10.318  1.00 81.50  ? 46  GLN A CD  1 
ATOM   368 O OE1 . GLN A 1 46 ? -9.888  6.519   11.199  1.00 108.67 ? 46  GLN A OE1 1 
ATOM   369 N NE2 . GLN A 1 46 ? -11.586 5.205   10.575  1.00 46.99  ? 46  GLN A NE2 1 
ATOM   370 N N   . ARG A 1 47 ? -9.117  9.353   6.365   1.00 58.38  ? 47  ARG A N   1 
ATOM   371 C CA  . ARG A 1 47 ? -8.939  10.759  5.962   1.00 62.93  ? 47  ARG A CA  1 
ATOM   372 C C   . ARG A 1 47 ? -8.504  10.901  4.510   1.00 68.75  ? 47  ARG A C   1 
ATOM   373 O O   . ARG A 1 47 ? -8.658  11.972  3.923   1.00 72.09  ? 47  ARG A O   1 
ATOM   374 C CB  . ARG A 1 47 ? -7.845  11.332  6.889   1.00 56.87  ? 47  ARG A CB  1 
ATOM   375 C CG  . ARG A 1 47 ? -8.068  10.835  8.313   1.00 55.32  ? 47  ARG A CG  1 
ATOM   376 C CD  . ARG A 1 47 ? -7.288  9.557   8.609   1.00 42.24  ? 47  ARG A CD  1 
ATOM   377 N NE  . ARG A 1 47 ? -5.862  9.911   8.584   1.00 51.58  ? 47  ARG A NE  1 
ATOM   378 C CZ  . ARG A 1 47 ? -5.076  9.639   9.624   1.00 59.13  ? 47  ARG A CZ  1 
ATOM   379 N NH1 . ARG A 1 47 ? -5.645  9.031   10.661  1.00 66.78  ? 47  ARG A NH1 1 
ATOM   380 N NH2 . ARG A 1 47 ? -3.789  9.948   9.630   1.00 62.49  ? 47  ARG A NH2 1 
ATOM   381 N N   . GLY A 1 48 ? -7.976  9.826   3.928   1.00 64.78  ? 48  GLY A N   1 
ATOM   382 C CA  . GLY A 1 48 ? -7.658  9.817   2.509   1.00 57.76  ? 48  GLY A CA  1 
ATOM   383 C C   . GLY A 1 48 ? -6.199  10.078  2.218   1.00 48.96  ? 48  GLY A C   1 
ATOM   384 O O   . GLY A 1 48 ? -5.773  10.181  1.074   1.00 47.37  ? 48  GLY A O   1 
ATOM   385 N N   . LYS A 1 49 ? -5.424  10.191  3.290   1.00 43.57  ? 49  LYS A N   1 
ATOM   386 C CA  . LYS A 1 49 ? -3.990  10.351  3.140   1.00 41.10  ? 49  LYS A CA  1 
ATOM   387 C C   . LYS A 1 49 ? -3.378  9.106   2.519   1.00 35.73  ? 49  LYS A C   1 
ATOM   388 O O   . LYS A 1 49 ? -3.893  7.999   2.648   1.00 36.64  ? 49  LYS A O   1 
ATOM   389 C CB  . LYS A 1 49 ? -3.403  10.634  4.521   1.00 56.15  ? 49  LYS A CB  1 
ATOM   390 C CG  . LYS A 1 49 ? -2.022  11.258  4.475   1.00 79.88  ? 49  LYS A CG  1 
ATOM   391 C CD  . LYS A 1 49 ? -0.972  10.366  5.124   1.00 90.73  ? 49  LYS A CD  1 
ATOM   392 C CE  . LYS A 1 49 ? 0.436   10.823  4.765   1.00 91.75  ? 49  LYS A CE  1 
ATOM   393 N NZ  . LYS A 1 49 ? 1.262   9.722   4.200   1.00 71.39  ? 49  LYS A NZ  1 
ATOM   394 N N   . GLU A 1 50 ? -2.258  9.218   1.823   1.00 28.94  ? 50  GLU A N   1 
ATOM   395 C CA  . GLU A 1 50 ? -1.618  8.027   1.270   1.00 23.81  ? 50  GLU A CA  1 
ATOM   396 C C   . GLU A 1 50 ? -0.248  7.885   1.904   1.00 28.68  ? 50  GLU A C   1 
ATOM   397 O O   . GLU A 1 50 ? 0.507   8.857   1.980   1.00 37.32  ? 50  GLU A O   1 
ATOM   398 C CB  . GLU A 1 50 ? -1.488  8.109   -0.239  1.00 25.15  ? 50  GLU A CB  1 
ATOM   399 C CG  . GLU A 1 50 ? -2.786  7.813   -0.994  1.00 31.54  ? 50  GLU A CG  1 
ATOM   400 C CD  . GLU A 1 50 ? -2.457  8.027   -2.473  1.00 39.26  ? 50  GLU A CD  1 
ATOM   401 O OE1 . GLU A 1 50 ? -1.707  8.994   -2.739  1.00 46.58  ? 50  GLU A OE1 1 
ATOM   402 O OE2 . GLU A 1 50 ? -2.910  7.230   -3.307  1.00 45.00  ? 50  GLU A OE2 1 
ATOM   403 N N   . VAL A 1 51 ? 0.056   6.678   2.361   1.00 32.14  ? 51  VAL A N   1 
ATOM   404 C CA  . VAL A 1 51 ? 1.260   6.372   3.122   1.00 27.42  ? 51  VAL A CA  1 
ATOM   405 C C   . VAL A 1 51 ? 1.997   5.162   2.563   1.00 27.43  ? 51  VAL A C   1 
ATOM   406 O O   . VAL A 1 51 ? 1.449   4.058   2.472   1.00 32.27  ? 51  VAL A O   1 
ATOM   407 C CB  . VAL A 1 51 ? 0.900   6.127   4.618   1.00 34.97  ? 51  VAL A CB  1 
ATOM   408 C CG1 . VAL A 1 51 ? 2.124   6.076   5.511   1.00 26.69  ? 51  VAL A CG1 1 
ATOM   409 C CG2 . VAL A 1 51 ? -0.066  7.195   5.122   1.00 33.96  ? 51  VAL A CG2 1 
ATOM   410 N N   . CYS A 1 52 ? 3.271   5.345   2.213   1.00 23.15  ? 52  CYS A N   1 
ATOM   411 C CA  . CYS A 1 52 ? 4.138   4.263   1.809   1.00 21.36  ? 52  CYS A CA  1 
ATOM   412 C C   . CYS A 1 52 ? 4.655   3.464   2.995   1.00 23.61  ? 52  CYS A C   1 
ATOM   413 O O   . CYS A 1 52 ? 5.179   4.027   3.963   1.00 22.84  ? 52  CYS A O   1 
ATOM   414 C CB  . CYS A 1 52 ? 5.353   4.852   1.061   1.00 26.82  ? 52  CYS A CB  1 
ATOM   415 S SG  . CYS A 1 52 ? 4.931   5.415   -0.606  1.00 24.63  ? 52  CYS A SG  1 
ATOM   416 N N   . ALA A 1 53 ? 4.572   2.127   2.946   1.00 29.79  ? 53  ALA A N   1 
ATOM   417 C CA  . ALA A 1 53 ? 5.098   1.325   4.053   1.00 24.43  ? 53  ALA A CA  1 
ATOM   418 C C   . ALA A 1 53 ? 5.799   0.073   3.557   1.00 22.22  ? 53  ALA A C   1 
ATOM   419 O O   . ALA A 1 53 ? 5.565   -0.395  2.448   1.00 27.60  ? 53  ALA A O   1 
ATOM   420 C CB  . ALA A 1 53 ? 4.003   0.913   5.033   1.00 24.35  ? 53  ALA A CB  1 
ATOM   421 N N   . ASP A 1 54 ? 6.663   -0.458  4.399   1.00 29.58  ? 54  ASP A N   1 
ATOM   422 C CA  . ASP A 1 54 ? 7.492   -1.611  4.090   1.00 35.59  ? 54  ASP A CA  1 
ATOM   423 C C   . ASP A 1 54 ? 6.788   -2.899  4.517   1.00 36.22  ? 54  ASP A C   1 
ATOM   424 O O   . ASP A 1 54 ? 6.662   -3.143  5.717   1.00 38.31  ? 54  ASP A O   1 
ATOM   425 C CB  . ASP A 1 54 ? 8.845   -1.469  4.803   1.00 34.35  ? 54  ASP A CB  1 
ATOM   426 C CG  . ASP A 1 54 ? 9.779   -2.620  4.456   1.00 41.25  ? 54  ASP A CG  1 
ATOM   427 O OD1 . ASP A 1 54 ? 9.373   -3.477  3.640   1.00 40.65  ? 54  ASP A OD1 1 
ATOM   428 O OD2 . ASP A 1 54 ? 10.900  -2.656  4.996   1.00 40.39  ? 54  ASP A OD2 1 
ATOM   429 N N   . PRO A 1 55 ? 6.353   -3.709  3.567   1.00 37.35  ? 55  PRO A N   1 
ATOM   430 C CA  . PRO A 1 55 ? 5.529   -4.889  3.859   1.00 34.20  ? 55  PRO A CA  1 
ATOM   431 C C   . PRO A 1 55 ? 6.313   -5.939  4.643   1.00 39.14  ? 55  PRO A C   1 
ATOM   432 O O   . PRO A 1 55 ? 5.761   -6.905  5.170   1.00 50.14  ? 55  PRO A O   1 
ATOM   433 C CB  . PRO A 1 55 ? 5.137   -5.381  2.462   1.00 31.96  ? 55  PRO A CB  1 
ATOM   434 C CG  . PRO A 1 55 ? 6.308   -4.979  1.623   1.00 40.02  ? 55  PRO A CG  1 
ATOM   435 C CD  . PRO A 1 55 ? 6.644   -3.598  2.127   1.00 41.62  ? 55  PRO A CD  1 
ATOM   436 N N   . LYS A 1 56 ? 7.622   -5.761  4.773   1.00 38.34  ? 56  LYS A N   1 
ATOM   437 C CA  . LYS A 1 56 ? 8.431   -6.617  5.637   1.00 46.89  ? 56  LYS A CA  1 
ATOM   438 C C   . LYS A 1 56 ? 8.229   -6.262  7.104   1.00 56.25  ? 56  LYS A C   1 
ATOM   439 O O   . LYS A 1 56 ? 8.535   -6.989  8.059   1.00 57.24  ? 56  LYS A O   1 
ATOM   440 C CB  . LYS A 1 56 ? 9.893   -6.479  5.199   1.00 49.23  ? 56  LYS A CB  1 
ATOM   441 C CG  . LYS A 1 56 ? 10.088  -6.190  3.723   1.00 58.58  ? 56  LYS A CG  1 
ATOM   442 C CD  . LYS A 1 56 ? 11.365  -5.419  3.422   1.00 63.12  ? 56  LYS A CD  1 
ATOM   443 C CE  . LYS A 1 56 ? 11.350  -4.697  2.085   1.00 61.14  ? 56  LYS A CE  1 
ATOM   444 N NZ  . LYS A 1 56 ? 10.299  -5.162  1.140   1.00 63.30  ? 56  LYS A NZ  1 
ATOM   445 N N   . GLU A 1 57 ? 7.692   -5.065  7.402   1.00 53.71  ? 57  GLU A N   1 
ATOM   446 C CA  . GLU A 1 57 ? 7.485   -4.758  8.815   1.00 48.43  ? 57  GLU A CA  1 
ATOM   447 C C   . GLU A 1 57 ? 6.233   -5.492  9.313   1.00 52.80  ? 57  GLU A C   1 
ATOM   448 O O   . GLU A 1 57 ? 5.233   -5.682  8.617   1.00 46.62  ? 57  GLU A O   1 
ATOM   449 C CB  . GLU A 1 57 ? 7.375   -3.262  9.075   1.00 46.24  ? 57  GLU A CB  1 
ATOM   450 C CG  . GLU A 1 57 ? 8.675   -2.477  8.984   1.00 48.64  ? 57  GLU A CG  1 
ATOM   451 C CD  . GLU A 1 57 ? 8.424   -0.980  9.108   1.00 53.35  ? 57  GLU A CD  1 
ATOM   452 O OE1 . GLU A 1 57 ? 7.446   -0.648  9.821   1.00 76.63  ? 57  GLU A OE1 1 
ATOM   453 O OE2 . GLU A 1 57 ? 9.142   -0.143  8.518   1.00 60.00  ? 57  GLU A OE2 1 
ATOM   454 N N   . ARG A 1 58 ? 6.344   -5.897  10.576  1.00 54.68  ? 58  ARG A N   1 
ATOM   455 C CA  . ARG A 1 58 ? 5.319   -6.663  11.248  1.00 52.60  ? 58  ARG A CA  1 
ATOM   456 C C   . ARG A 1 58 ? 3.952   -5.999  11.185  1.00 33.56  ? 58  ARG A C   1 
ATOM   457 O O   . ARG A 1 58 ? 2.978   -6.583  10.694  1.00 34.26  ? 58  ARG A O   1 
ATOM   458 C CB  . ARG A 1 58 ? 5.699   -6.897  12.721  1.00 63.65  ? 58  ARG A CB  1 
ATOM   459 C CG  . ARG A 1 58 ? 4.682   -7.800  13.417  1.00 71.25  ? 58  ARG A CG  1 
ATOM   460 C CD  . ARG A 1 58 ? 4.688   -9.165  12.723  1.00 82.83  ? 58  ARG A CD  1 
ATOM   461 N NE  . ARG A 1 58 ? 6.044   -9.711  12.749  1.00 99.86  ? 58  ARG A NE  1 
ATOM   462 C CZ  . ARG A 1 58 ? 6.364   -10.952 12.390  1.00 112.96 ? 58  ARG A CZ  1 
ATOM   463 N NH1 . ARG A 1 58 ? 5.400   -11.770 11.969  1.00 126.81 ? 58  ARG A NH1 1 
ATOM   464 N NH2 . ARG A 1 58 ? 7.621   -11.369 12.442  1.00 125.30 ? 58  ARG A NH2 1 
ATOM   465 N N   . TRP A 1 59 ? 3.860   -4.788  11.707  1.00 33.30  ? 59  TRP A N   1 
ATOM   466 C CA  . TRP A 1 59 ? 2.579   -4.076  11.740  1.00 38.08  ? 59  TRP A CA  1 
ATOM   467 C C   . TRP A 1 59 ? 1.949   -4.009  10.359  1.00 38.59  ? 59  TRP A C   1 
ATOM   468 O O   . TRP A 1 59 ? 0.740   -4.058  10.153  1.00 36.27  ? 59  TRP A O   1 
ATOM   469 C CB  . TRP A 1 59 ? 2.777   -2.680  12.325  1.00 47.22  ? 59  TRP A CB  1 
ATOM   470 C CG  . TRP A 1 59 ? 3.470   -1.625  11.522  1.00 52.04  ? 59  TRP A CG  1 
ATOM   471 C CD1 . TRP A 1 59 ? 4.819   -1.413  11.410  1.00 49.88  ? 59  TRP A CD1 1 
ATOM   472 C CD2 . TRP A 1 59 ? 2.854   -0.614  10.710  1.00 44.83  ? 59  TRP A CD2 1 
ATOM   473 N NE1 . TRP A 1 59 ? 5.072   -0.344  10.587  1.00 43.12  ? 59  TRP A NE1 1 
ATOM   474 C CE2 . TRP A 1 59 ? 3.883   0.163   10.142  1.00 44.37  ? 59  TRP A CE2 1 
ATOM   475 C CE3 . TRP A 1 59 ? 1.537   -0.279  10.398  1.00 42.58  ? 59  TRP A CE3 1 
ATOM   476 C CZ2 . TRP A 1 59 ? 3.609   1.235   9.293   1.00 45.21  ? 59  TRP A CZ2 1 
ATOM   477 C CZ3 . TRP A 1 59 ? 1.265   0.780   9.557   1.00 41.74  ? 59  TRP A CZ3 1 
ATOM   478 C CH2 . TRP A 1 59 ? 2.305   1.541   9.002   1.00 36.27  ? 59  TRP A CH2 1 
ATOM   479 N N   . VAL A 1 60 ? 2.842   -3.891  9.374   1.00 40.21  ? 60  VAL A N   1 
ATOM   480 C CA  . VAL A 1 60 ? 2.356   -3.692  8.014   1.00 32.35  ? 60  VAL A CA  1 
ATOM   481 C C   . VAL A 1 60 ? 1.709   -4.960  7.522   1.00 28.43  ? 60  VAL A C   1 
ATOM   482 O O   . VAL A 1 60 ? 0.618   -4.914  6.945   1.00 29.84  ? 60  VAL A O   1 
ATOM   483 C CB  . VAL A 1 60 ? 3.533   -3.265  7.105   1.00 31.67  ? 60  VAL A CB  1 
ATOM   484 C CG1 . VAL A 1 60 ? 3.097   -3.117  5.664   1.00 19.39  ? 60  VAL A CG1 1 
ATOM   485 C CG2 . VAL A 1 60 ? 4.122   -1.968  7.634   1.00 23.22  ? 60  VAL A CG2 1 
ATOM   486 N N   . ARG A 1 61 ? 2.388   -6.091  7.740   1.00 34.90  ? 61  ARG A N   1 
ATOM   487 C CA  . ARG A 1 61 ? 1.804   -7.347  7.249   1.00 38.62  ? 61  ARG A CA  1 
ATOM   488 C C   . ARG A 1 61 ? 0.490   -7.649  7.959   1.00 32.25  ? 61  ARG A C   1 
ATOM   489 O O   . ARG A 1 61 ? -0.453  -8.168  7.361   1.00 34.68  ? 61  ARG A O   1 
ATOM   490 C CB  . ARG A 1 61 ? 2.773   -8.516  7.440   1.00 42.82  ? 61  ARG A CB  1 
ATOM   491 C CG  . ARG A 1 61 ? 4.217   -8.180  7.112   1.00 55.54  ? 61  ARG A CG  1 
ATOM   492 C CD  . ARG A 1 61 ? 5.199   -9.004  7.920   1.00 68.49  ? 61  ARG A CD  1 
ATOM   493 N NE  . ARG A 1 61 ? 6.354   -9.463  7.153   1.00 84.13  ? 61  ARG A NE  1 
ATOM   494 C CZ  . ARG A 1 61 ? 7.458   -9.969  7.705   1.00 95.54  ? 61  ARG A CZ  1 
ATOM   495 N NH1 . ARG A 1 61 ? 7.558   -10.072 9.035   1.00 93.27  ? 61  ARG A NH1 1 
ATOM   496 N NH2 . ARG A 1 61 ? 8.479   -10.368 6.945   1.00 96.35  ? 61  ARG A NH2 1 
ATOM   497 N N   . ASP A 1 62 ? 0.490   -7.307  9.244   1.00 35.31  ? 62  ASP A N   1 
ATOM   498 C CA  . ASP A 1 62 ? -0.686  -7.492  10.091  1.00 40.97  ? 62  ASP A CA  1 
ATOM   499 C C   . ASP A 1 62 ? -1.814  -6.600  9.599   1.00 47.63  ? 62  ASP A C   1 
ATOM   500 O O   . ASP A 1 62 ? -2.990  -6.968  9.523   1.00 32.97  ? 62  ASP A O   1 
ATOM   501 C CB  . ASP A 1 62 ? -0.357  -7.154  11.544  1.00 45.05  ? 62  ASP A CB  1 
ATOM   502 C CG  . ASP A 1 62 ? 0.457   -8.205  12.271  1.00 47.72  ? 62  ASP A CG  1 
ATOM   503 O OD1 . ASP A 1 62 ? 0.502   -9.349  11.775  1.00 44.40  ? 62  ASP A OD1 1 
ATOM   504 O OD2 . ASP A 1 62 ? 1.043   -7.865  13.322  1.00 43.94  ? 62  ASP A OD2 1 
ATOM   505 N N   . SER A 1 63 ? -1.468  -5.353  9.223   1.00 46.75  ? 63  SER A N   1 
ATOM   506 C CA  . SER A 1 63 ? -2.580  -4.508  8.734   1.00 36.37  ? 63  SER A CA  1 
ATOM   507 C C   . SER A 1 63 ? -3.062  -5.042  7.407   1.00 21.97  ? 63  SER A C   1 
ATOM   508 O O   . SER A 1 63 ? -4.255  -5.027  7.098   1.00 28.81  ? 63  SER A O   1 
ATOM   509 C CB  . SER A 1 63 ? -2.148  -3.043  8.671   1.00 38.49  ? 63  SER A CB  1 
ATOM   510 O OG  . SER A 1 63 ? -1.156  -2.825  9.679   1.00 43.01  ? 63  SER A OG  1 
ATOM   511 N N   . MET A 1 64 ? -2.118  -5.548  6.594   1.00 30.17  ? 64  MET A N   1 
ATOM   512 C CA  . MET A 1 64 ? -2.528  -6.045  5.273   1.00 31.71  ? 64  MET A CA  1 
ATOM   513 C C   . MET A 1 64 ? -3.463  -7.257  5.392   1.00 33.20  ? 64  MET A C   1 
ATOM   514 O O   . MET A 1 64 ? -4.418  -7.388  4.622   1.00 33.75  ? 64  MET A O   1 
ATOM   515 C CB  . MET A 1 64 ? -1.318  -6.394  4.410   1.00 29.27  ? 64  MET A CB  1 
ATOM   516 C CG  . MET A 1 64 ? -0.572  -5.227  3.754   1.00 29.30  ? 64  MET A CG  1 
ATOM   517 S SD  . MET A 1 64 ? 1.084   -5.714  3.201   1.00 32.59  ? 64  MET A SD  1 
ATOM   518 C CE  . MET A 1 64 ? 0.655   -6.714  1.788   1.00 23.78  ? 64  MET A CE  1 
ATOM   519 N N   . LYS A 1 65 ? -3.145  -8.127  6.333   1.00 38.66  ? 65  LYS A N   1 
ATOM   520 C CA  . LYS A 1 65 ? -3.896  -9.348  6.627   1.00 40.11  ? 65  LYS A CA  1 
ATOM   521 C C   . LYS A 1 65 ? -5.325  -8.987  7.033   1.00 32.42  ? 65  LYS A C   1 
ATOM   522 O O   . LYS A 1 65 ? -6.304  -9.429  6.431   1.00 37.44  ? 65  LYS A O   1 
ATOM   523 C CB  . LYS A 1 65 ? -3.187  -10.119 7.734   1.00 45.70  ? 65  LYS A CB  1 
ATOM   524 C CG  . LYS A 1 65 ? -3.788  -11.462 8.097   1.00 60.50  ? 65  LYS A CG  1 
ATOM   525 C CD  . LYS A 1 65 ? -2.885  -12.260 9.034   1.00 72.90  ? 65  LYS A CD  1 
ATOM   526 C CE  . LYS A 1 65 ? -2.873  -11.676 10.437  1.00 77.75  ? 65  LYS A CE  1 
ATOM   527 N NZ  . LYS A 1 65 ? -1.563  -11.844 11.136  1.00 72.34  ? 65  LYS A NZ  1 
ATOM   528 N N   . HIS A 1 66 ? -5.377  -8.142  8.052   1.00 32.08  ? 66  HIS A N   1 
ATOM   529 C CA  . HIS A 1 66 ? -6.640  -7.599  8.553   1.00 31.88  ? 66  HIS A CA  1 
ATOM   530 C C   . HIS A 1 66 ? -7.472  -7.081  7.403   1.00 37.18  ? 66  HIS A C   1 
ATOM   531 O O   . HIS A 1 66 ? -8.653  -7.423  7.234   1.00 37.81  ? 66  HIS A O   1 
ATOM   532 C CB  . HIS A 1 66 ? -6.319  -6.536  9.595   1.00 35.51  ? 66  HIS A CB  1 
ATOM   533 C CG  . HIS A 1 66 ? -7.441  -5.657  10.022  1.00 46.18  ? 66  HIS A CG  1 
ATOM   534 N ND1 . HIS A 1 66 ? -8.607  -6.138  10.573  1.00 45.74  ? 66  HIS A ND1 1 
ATOM   535 C CD2 . HIS A 1 66 ? -7.581  -4.308  9.985   1.00 46.36  ? 66  HIS A CD2 1 
ATOM   536 C CE1 . HIS A 1 66 ? -9.405  -5.123  10.848  1.00 44.51  ? 66  HIS A CE1 1 
ATOM   537 N NE2 . HIS A 1 66 ? -8.814  -4.001  10.504  1.00 42.98  ? 66  HIS A NE2 1 
ATOM   538 N N   . LEU A 1 67 ? -6.882  -6.240  6.540   1.00 33.09  ? 67  LEU A N   1 
ATOM   539 C CA  . LEU A 1 67 ? -7.746  -5.721  5.467   1.00 30.19  ? 67  LEU A CA  1 
ATOM   540 C C   . LEU A 1 67 ? -8.074  -6.796  4.457   1.00 31.47  ? 67  LEU A C   1 
ATOM   541 O O   . LEU A 1 67 ? -9.128  -6.816  3.824   1.00 40.68  ? 67  LEU A O   1 
ATOM   542 C CB  . LEU A 1 67 ? -7.078  -4.529  4.752   1.00 35.26  ? 67  LEU A CB  1 
ATOM   543 C CG  . LEU A 1 67 ? -6.485  -3.477  5.700   1.00 36.33  ? 67  LEU A CG  1 
ATOM   544 C CD1 . LEU A 1 67 ? -5.616  -2.466  4.974   1.00 27.44  ? 67  LEU A CD1 1 
ATOM   545 C CD2 . LEU A 1 67 ? -7.597  -2.755  6.442   1.00 36.09  ? 67  LEU A CD2 1 
ATOM   546 N N   . ASP A 1 68 ? -7.152  -7.734  4.231   1.00 36.06  ? 68  ASP A N   1 
ATOM   547 C CA  . ASP A 1 68 ? -7.445  -8.757  3.229   1.00 35.77  ? 68  ASP A CA  1 
ATOM   548 C C   . ASP A 1 68 ? -8.685  -9.566  3.614   1.00 34.86  ? 68  ASP A C   1 
ATOM   549 O O   . ASP A 1 68 ? -9.607  -9.695  2.823   1.00 39.91  ? 68  ASP A O   1 
ATOM   550 C CB  . ASP A 1 68 ? -6.263  -9.710  3.096   1.00 39.59  ? 68  ASP A CB  1 
ATOM   551 C CG  . ASP A 1 68 ? -5.065  -9.094  2.395   1.00 46.34  ? 68  ASP A CG  1 
ATOM   552 O OD1 . ASP A 1 68 ? -5.218  -8.118  1.622   1.00 36.17  ? 68  ASP A OD1 1 
ATOM   553 O OD2 . ASP A 1 68 ? -3.980  -9.647  2.674   1.00 36.63  ? 68  ASP A OD2 1 
ATOM   554 N N   . GLN A 1 69 ? -8.623  -10.079 4.835   1.00 39.51  ? 69  GLN A N   1 
ATOM   555 C CA  . GLN A 1 69 ? -9.707  -10.876 5.405   1.00 43.12  ? 69  GLN A CA  1 
ATOM   556 C C   . GLN A 1 69 ? -11.070 -10.250 5.137   1.00 47.33  ? 69  GLN A C   1 
ATOM   557 O O   . GLN A 1 69 ? -11.873 -10.819 4.395   1.00 64.43  ? 69  GLN A O   1 
ATOM   558 C CB  . GLN A 1 69 ? -9.495  -11.006 6.906   1.00 40.46  ? 69  GLN A CB  1 
ATOM   559 C CG  . GLN A 1 69 ? -8.332  -11.919 7.286   1.00 56.73  ? 69  GLN A CG  1 
ATOM   560 C CD  . GLN A 1 69 ? -8.351  -12.231 8.772   1.00 69.25  ? 69  GLN A CD  1 
ATOM   561 O OE1 . GLN A 1 69 ? -7.381  -12.735 9.328   1.00 82.45  ? 69  GLN A OE1 1 
ATOM   562 N NE2 . GLN A 1 69 ? -9.485  -11.917 9.384   1.00 81.42  ? 69  GLN A NE2 1 
ATOM   563 N N   . ILE A 1 70 ? -11.266 -9.083  5.744   1.00 40.12  ? 70  ILE A N   1 
ATOM   564 C CA  . ILE A 1 70 ? -12.507 -8.348  5.561   1.00 45.34  ? 70  ILE A CA  1 
ATOM   565 C C   . ILE A 1 70 ? -12.927 -8.253  4.104   1.00 53.24  ? 70  ILE A C   1 
ATOM   566 O O   . ILE A 1 70 ? -14.080 -8.492  3.754   1.00 65.44  ? 70  ILE A O   1 
ATOM   567 C CB  . ILE A 1 70 ? -12.361 -6.916  6.106   1.00 40.07  ? 70  ILE A CB  1 
ATOM   568 C CG1 . ILE A 1 70 ? -11.918 -6.854  7.564   1.00 42.38  ? 70  ILE A CG1 1 
ATOM   569 C CG2 . ILE A 1 70 ? -13.646 -6.148  5.858   1.00 42.69  ? 70  ILE A CG2 1 
ATOM   570 C CD1 . ILE A 1 70 ? -11.395 -5.491  7.972   1.00 34.84  ? 70  ILE A CD1 1 
ATOM   571 N N   . PHE A 1 71 ? -11.996 -7.920  3.218   1.00 59.98  ? 71  PHE A N   1 
ATOM   572 C CA  . PHE A 1 71 ? -12.321 -7.807  1.803   1.00 69.70  ? 71  PHE A CA  1 
ATOM   573 C C   . PHE A 1 71 ? -12.892 -9.098  1.238   1.00 69.34  ? 71  PHE A C   1 
ATOM   574 O O   . PHE A 1 71 ? -13.743 -9.117  0.346   1.00 71.58  ? 71  PHE A O   1 
ATOM   575 C CB  . PHE A 1 71 ? -11.075 -7.433  0.981   1.00 85.80  ? 71  PHE A CB  1 
ATOM   576 C CG  . PHE A 1 71 ? -11.159 -7.918  -0.461  1.00 104.14 ? 71  PHE A CG  1 
ATOM   577 C CD1 . PHE A 1 71 ? -12.003 -7.279  -1.360  1.00 110.30 ? 71  PHE A CD1 1 
ATOM   578 C CD2 . PHE A 1 71 ? -10.400 -8.993  -0.905  1.00 112.84 ? 71  PHE A CD2 1 
ATOM   579 C CE1 . PHE A 1 71 ? -12.102 -7.704  -2.671  1.00 113.47 ? 71  PHE A CE1 1 
ATOM   580 C CE2 . PHE A 1 71 ? -10.510 -9.435  -2.213  1.00 116.71 ? 71  PHE A CE2 1 
ATOM   581 C CZ  . PHE A 1 71 ? -11.357 -8.789  -3.098  1.00 115.57 ? 71  PHE A CZ  1 
ATOM   582 N N   . GLN A 1 72 ? -12.355 -10.220 1.723   1.00 70.00  ? 72  GLN A N   1 
ATOM   583 C CA  . GLN A 1 72 ? -12.827 -11.470 1.121   1.00 73.62  ? 72  GLN A CA  1 
ATOM   584 C C   . GLN A 1 72 ? -14.098 -11.919 1.816   1.00 75.16  ? 72  GLN A C   1 
ATOM   585 O O   . GLN A 1 72 ? -14.884 -12.698 1.281   1.00 79.29  ? 72  GLN A O   1 
ATOM   586 C CB  . GLN A 1 72 ? -11.703 -12.504 1.167   1.00 73.66  ? 72  GLN A CB  1 
ATOM   587 C CG  . GLN A 1 72 ? -10.781 -12.365 -0.047  1.00 72.85  ? 72  GLN A CG  1 
ATOM   588 C CD  . GLN A 1 72 ? -9.433  -13.022 0.197   1.00 78.92  ? 72  GLN A CD  1 
ATOM   589 O OE1 . GLN A 1 72 ? -8.970  -13.815 -0.623  1.00 88.15  ? 72  GLN A OE1 1 
ATOM   590 N NE2 . GLN A 1 72 ? -8.809  -12.697 1.325   1.00 93.80  ? 72  GLN A NE2 1 
ATOM   591 N N   . ASN A 1 73 ? -14.312 -11.387 3.015   1.00 78.63  ? 73  ASN A N   1 
ATOM   592 C CA  . ASN A 1 73 ? -15.532 -11.667 3.757   1.00 86.85  ? 73  ASN A CA  1 
ATOM   593 C C   . ASN A 1 73 ? -16.603 -10.613 3.501   1.00 98.17  ? 73  ASN A C   1 
ATOM   594 O O   . ASN A 1 73 ? -17.758 -10.769 3.901   1.00 95.23  ? 73  ASN A O   1 
ATOM   595 C CB  . ASN A 1 73 ? -15.245 -11.718 5.262   1.00 84.98  ? 73  ASN A CB  1 
ATOM   596 C CG  . ASN A 1 73 ? -14.041 -12.589 5.568   1.00 85.34  ? 73  ASN A CG  1 
ATOM   597 O OD1 . ASN A 1 73 ? -13.511 -13.229 4.657   1.00 85.14  ? 73  ASN A OD1 1 
ATOM   598 N ND2 . ASN A 1 73 ? -13.628 -12.602 6.831   1.00 81.06  ? 73  ASN A ND2 1 
ATOM   599 N N   . LEU A 1 74 ? -16.208 -9.520  2.844   1.00 92.23  ? 74  LEU A N   1 
ATOM   600 C CA  . LEU A 1 74 ? -17.169 -8.433  2.640   1.00 91.18  ? 74  LEU A CA  1 
ATOM   601 C C   . LEU A 1 74 ? -17.746 -8.447  1.223   1.00 94.89  ? 74  LEU A C   1 
ATOM   602 O O   . LEU A 1 74 ? -17.559 -7.464  0.494   1.00 91.94  ? 74  LEU A O   1 
ATOM   603 C CB  . LEU A 1 74 ? -16.514 -7.076  2.918   1.00 95.64  ? 74  LEU A CB  1 
ATOM   604 C CG  . LEU A 1 74 ? -17.458 -5.883  3.090   1.00 96.26  ? 74  LEU A CG  1 
ATOM   605 C CD1 . LEU A 1 74 ? -18.352 -6.076  4.303   1.00 100.22 ? 74  LEU A CD1 1 
ATOM   606 C CD2 . LEU A 1 74 ? -16.670 -4.587  3.207   1.00 102.25 ? 74  LEU A CD2 1 
ATOM   607 N N   . LYS A 1 75 ? -18.442 -9.518  0.880   1.00 103.70 ? 75  LYS A N   1 
ATOM   608 C CA  . LYS A 1 75 ? -19.146 -9.623  -0.397  1.00 110.93 ? 75  LYS A CA  1 
ATOM   609 C C   . LYS A 1 75 ? -20.469 -10.348 -0.227  1.00 114.84 ? 75  LYS A C   1 
ATOM   610 O O   . LYS A 1 75 ? -20.546 -11.520 -0.647  1.00 115.13 ? 75  LYS A O   1 
ATOM   611 C CB  . LYS A 1 75 ? -18.263 -10.332 -1.423  1.00 110.24 ? 75  LYS A CB  1 
ATOM   612 C CG  . LYS A 1 75 ? -17.576 -11.588 -0.894  1.00 108.68 ? 75  LYS A CG  1 
ATOM   613 C CD  . LYS A 1 75 ? -18.224 -12.833 -1.514  1.00 109.21 ? 75  LYS A CD  1 
ATOM   614 C CE  . LYS A 1 75 ? -17.312 -14.045 -1.410  1.00 112.61 ? 75  LYS A CE  1 
ATOM   615 N NZ  A LYS A 1 75 ? -16.677 -14.157 -0.034  0.50 107.22 ? 75  LYS A NZ  1 
ATOM   616 N NZ  B LYS A 1 75 ? -17.824 -15.210 -2.240  0.50 110.22 ? 75  LYS A NZ  1 
ATOM   617 N N   . PRO A 1 76 ? -21.497 -9.829  0.409   1.00 107.88 ? 76  PRO A N   1 
ATOM   618 C CA  . PRO A 1 76 ? -21.812 -8.478  0.758   1.00 118.64 ? 76  PRO A CA  1 
ATOM   619 C C   . PRO A 1 76 ? -20.783 -7.425  0.577   1.00 118.88 ? 76  PRO A C   1 
ATOM   620 O O   . PRO A 1 76 ? -20.589 -6.741  1.550   1.00 112.43 ? 76  PRO A O   1 
ATOM   621 C CB  . PRO A 1 76 ? -22.080 -8.807  2.243   1.00 118.54 ? 76  PRO A CB  1 
ATOM   622 C CG  . PRO A 1 76 ? -22.540 -10.180 2.420   1.00 119.88 ? 76  PRO A CG  1 
ATOM   623 C CD  . PRO A 1 76 ? -22.486 -10.757 1.033   1.00 119.94 ? 76  PRO A CD  1 
ATOM   624 O OXT . PRO A 1 76 ? -21.129 -6.749  -0.467  1.00 112.00 ? 76  PRO A OXT 1 
HETATM 625 O O   . HOH B 2 .  ? 8.698   1.964   -4.704  1.00 12.97  ? 101 HOH A O   1 
HETATM 626 O O   . HOH B 2 .  ? 1.636   3.491   -11.240 1.00 23.41  ? 102 HOH A O   1 
HETATM 627 O O   . HOH B 2 .  ? 5.867   -3.831  -3.689  1.00 26.27  ? 103 HOH A O   1 
HETATM 628 O O   . HOH B 2 .  ? 7.889   8.242   -1.803  1.00 24.34  ? 104 HOH A O   1 
HETATM 629 O O   . HOH B 2 .  ? -3.426  2.553   -1.650  1.00 28.99  ? 105 HOH A O   1 
HETATM 630 O O   . HOH B 2 .  ? 4.111   0.729   -8.973  1.00 30.74  ? 106 HOH A O   1 
HETATM 631 O O   . HOH B 2 .  ? 4.219   -6.153  -5.808  1.00 41.51  ? 107 HOH A O   1 
HETATM 632 O O   . HOH B 2 .  ? 7.598   1.104   6.889   1.00 33.98  ? 108 HOH A O   1 
HETATM 633 O O   . HOH B 2 .  ? 12.907  4.721   3.582   1.00 38.50  ? 109 HOH A O   1 
HETATM 634 O O   . HOH B 2 .  ? 13.401  4.576   -9.213  1.00 46.11  ? 110 HOH A O   1 
HETATM 635 O O   . HOH B 2 .  ? 13.767  3.116   -12.545 1.00 32.09  ? 111 HOH A O   1 
HETATM 636 O O   . HOH B 2 .  ? -9.851  -8.680  10.097  1.00 37.66  ? 112 HOH A O   1 
HETATM 637 O O   . HOH B 2 .  ? 9.827   10.245  -0.773  1.00 38.07  ? 113 HOH A O   1 
HETATM 638 O O   . HOH B 2 .  ? -6.243  1.586   -1.630  1.00 37.44  ? 114 HOH A O   1 
HETATM 639 O O   . HOH B 2 .  ? 1.687   2.293   -8.078  1.00 38.20  ? 115 HOH A O   1 
HETATM 640 O O   . HOH B 2 .  ? 12.522  -3.351  -1.750  1.00 41.25  ? 116 HOH A O   1 
HETATM 641 O O   . HOH B 2 .  ? -0.773  3.657   -7.570  1.00 55.44  ? 117 HOH A O   1 
HETATM 642 O O   . HOH B 2 .  ? -7.164  -3.100  0.818   1.00 37.20  ? 118 HOH A O   1 
HETATM 643 O O   . HOH B 2 .  ? 13.164  -3.853  -5.410  1.00 39.04  ? 119 HOH A O   1 
HETATM 644 O O   . HOH B 2 .  ? 15.155  5.509   -12.625 1.00 40.06  ? 120 HOH A O   1 
HETATM 645 O O   . HOH B 2 .  ? 2.255   -0.824  -13.281 1.00 84.38  ? 121 HOH A O   1 
HETATM 646 O O   . HOH B 2 .  ? 14.060  -0.036  -10.125 1.00 63.54  ? 122 HOH A O   1 
HETATM 647 O O   . HOH B 2 .  ? 12.818  -2.818  -8.518  1.00 62.52  ? 123 HOH A O   1 
HETATM 648 O O   . HOH B 2 .  ? -6.819  -6.043  -0.092  1.00 57.20  ? 124 HOH A O   1 
HETATM 649 O O   . HOH B 2 .  ? 14.886  5.474   -2.889  1.00 43.30  ? 125 HOH A O   1 
HETATM 650 O O   . HOH B 2 .  ? 6.026   3.599   15.769  1.00 54.77  ? 126 HOH A O   1 
HETATM 651 O O   . HOH B 2 .  ? 4.435   3.223   -18.677 1.00 66.39  ? 127 HOH A O   1 
HETATM 652 O O   . HOH B 2 .  ? 5.800   -6.677  -4.170  1.00 38.64  ? 128 HOH A O   1 
HETATM 653 O O   . HOH B 2 .  ? -1.731  11.740  0.689   1.00 44.06  ? 129 HOH A O   1 
HETATM 654 O O   . HOH B 2 .  ? 7.766   1.596   10.124  1.00 44.17  ? 130 HOH A O   1 
HETATM 655 O O   . HOH B 2 .  ? 8.287   9.369   6.805   1.00 50.99  ? 131 HOH A O   1 
HETATM 656 O O   . HOH B 2 .  ? 9.206   -5.756  12.432  1.00 55.93  ? 132 HOH A O   1 
HETATM 657 O O   . HOH B 2 .  ? 0.190   6.929   -11.804 1.00 53.66  ? 133 HOH A O   1 
HETATM 658 O O   . HOH B 2 .  ? -11.162 -14.543 8.685   1.00 60.97  ? 134 HOH A O   1 
HETATM 659 O O   . HOH B 2 .  ? -0.924  11.426  -1.653  1.00 46.91  ? 135 HOH A O   1 
HETATM 660 O O   . HOH B 2 .  ? 1.277   -5.213  14.480  1.00 56.52  ? 136 HOH A O   1 
HETATM 661 O O   . HOH B 2 .  ? 10.529  8.302   5.539   1.00 55.33  ? 137 HOH A O   1 
HETATM 662 O O   . HOH B 2 .  ? -10.232 -2.476  2.285   1.00 60.20  ? 138 HOH A O   1 
HETATM 663 O O   . HOH B 2 .  ? 8.126   -7.197  -0.477  1.00 62.55  ? 139 HOH A O   1 
HETATM 664 O O   . HOH B 2 .  ? -7.232  6.417   16.227  1.00 68.13  ? 140 HOH A O   1 
HETATM 665 O O   . HOH B 2 .  ? 11.116  -0.569  7.177   1.00 51.35  ? 141 HOH A O   1 
HETATM 666 O O   . HOH B 2 .  ? -6.936  -0.872  -2.863  1.00 51.15  ? 142 HOH A O   1 
HETATM 667 O O   . HOH B 2 .  ? 4.551   -5.142  15.072  1.00 61.30  ? 143 HOH A O   1 
HETATM 668 O O   . HOH B 2 .  ? 16.208  -0.369  -6.274  1.00 63.93  ? 144 HOH A O   1 
HETATM 669 O O   . HOH B 2 .  ? 15.038  -1.927  -2.314  1.00 56.40  ? 145 HOH A O   1 
HETATM 670 O O   . HOH B 2 .  ? -11.048 10.805  13.749  1.00 57.73  ? 146 HOH A O   1 
HETATM 671 O O   . HOH B 2 .  ? -7.818  0.300   -5.762  1.00 63.23  ? 147 HOH A O   1 
HETATM 672 O O   . HOH B 2 .  ? 6.900   -6.315  15.740  1.00 63.53  ? 148 HOH A O   1 
HETATM 673 O O   . HOH B 2 .  ? -0.928  8.922   -11.641 1.00 53.34  ? 149 HOH A O   1 
HETATM 674 O O   . HOH B 2 .  ? -9.605  2.913   -4.315  1.00 66.10  ? 150 HOH A O   1 
HETATM 675 O O   . HOH B 2 .  ? 7.334   -0.656  -16.145 1.00 80.98  ? 151 HOH A O   1 
HETATM 676 O O   . HOH B 2 .  ? 15.604  -0.144  -0.986  1.00 63.38  ? 152 HOH A O   1 
HETATM 677 O O   . HOH B 2 .  ? 3.262   -3.985  -13.483 0.50 79.39  ? 153 HOH A O   1 
HETATM 678 O O   . HOH B 2 .  ? 2.830   0.767   -10.872 1.00 63.78  ? 154 HOH A O   1 
HETATM 679 O O   . HOH B 2 .  ? 13.786  2.686   -17.356 1.00 82.62  ? 155 HOH A O   1 
HETATM 680 O O   . HOH B 2 .  ? 0.049   -10.411 5.945   1.00 79.01  ? 156 HOH A O   1 
HETATM 681 O O   . HOH B 2 .  ? -0.314  2.209   -28.120 1.00 60.45  ? 157 HOH A O   1 
HETATM 682 O O   . HOH B 2 .  ? 11.202  -1.813  0.902   1.00 72.97  ? 158 HOH A O   1 
HETATM 683 O O   . HOH B 2 .  ? -2.207  -3.270  -6.024  1.00 49.17  ? 159 HOH A O   1 
HETATM 684 O O   . HOH B 2 .  ? 19.751  2.763   0.792   1.00 90.73  ? 160 HOH A O   1 
HETATM 685 O O   . HOH B 2 .  ? 0.292   -11.885 14.009  1.00 76.33  ? 161 HOH A O   1 
HETATM 686 O O   . HOH B 2 .  ? -11.830 2.148   -4.329  1.00 72.11  ? 162 HOH A O   1 
HETATM 687 O O   . HOH B 2 .  ? -0.299  14.672  -1.386  1.00 72.13  ? 163 HOH A O   1 
HETATM 688 O O   . HOH B 2 .  ? 16.627  2.716   2.017   1.00 73.20  ? 164 HOH A O   1 
HETATM 689 O O   . HOH B 2 .  ? -19.707 -16.414 -1.124  1.00 71.92  ? 165 HOH A O   1 
HETATM 690 O O   . HOH B 2 .  ? -2.487  5.033   -10.090 1.00 79.87  ? 166 HOH A O   1 
HETATM 691 O O   . HOH B 2 .  ? 10.524  1.787   12.490  1.00 76.56  ? 167 HOH A O   1 
HETATM 692 O O   . HOH B 2 .  ? 2.198   -10.069 1.769   1.00 65.10  ? 168 HOH A O   1 
HETATM 693 O O   . HOH B 2 .  ? -5.199  11.064  -2.205  1.00 60.13  ? 169 HOH A O   1 
HETATM 694 O O   . HOH B 2 .  ? 1.553   -7.642  -5.741  1.00 64.50  ? 170 HOH A O   1 
HETATM 695 O O   . HOH B 2 .  ? -3.372  2.248   -7.052  1.00 65.69  ? 171 HOH A O   1 
HETATM 696 O O   . HOH B 2 .  ? 0.623   7.573   16.648  1.00 75.36  ? 172 HOH A O   1 
HETATM 697 O O   . HOH B 2 .  ? 18.946  -2.620  -1.507  1.00 80.57  ? 173 HOH A O   1 
HETATM 698 O O   . HOH B 2 .  ? -4.624  1.392   16.999  1.00 49.42  ? 174 HOH A O   1 
HETATM 699 O O   . HOH B 2 .  ? 13.038  5.976   6.200   1.00 86.87  ? 175 HOH A O   1 
HETATM 700 O O   . HOH B 2 .  ? 1.951   -3.107  -21.621 1.00 76.48  ? 176 HOH A O   1 
HETATM 701 O O   . HOH B 2 .  ? 7.472   7.238   -9.467  0.50 44.10  ? 177 HOH A O   1 
HETATM 702 O O   . HOH B 2 .  ? -7.445  9.050   -3.150  1.00 86.94  ? 178 HOH A O   1 
HETATM 703 O O   . HOH B 2 .  ? -1.028  -5.939  -6.712  1.00 76.77  ? 179 HOH A O   1 
HETATM 704 O O   . HOH B 2 .  ? 18.362  4.524   4.369   1.00 73.49  ? 180 HOH A O   1 
HETATM 705 O O   . HOH B 2 .  ? -4.338  3.670   18.699  1.00 84.82  ? 181 HOH A O   1 
HETATM 706 O O   . HOH B 2 .  ? -5.113  -4.676  -1.896  1.00 72.36  ? 182 HOH A O   1 
HETATM 707 O O   . HOH B 2 .  ? -8.632  11.903  -3.112  1.00 88.71  ? 183 HOH A O   1 
HETATM 708 O O   . HOH B 2 .  ? 18.662  4.457   -1.035  1.00 76.82  ? 184 HOH A O   1 
HETATM 709 O O   . HOH B 2 .  ? 13.307  4.702   12.861  1.00 70.22  ? 185 HOH A O   1 
HETATM 710 O O   . HOH B 2 .  ? 17.085  -1.784  1.190   1.00 87.71  ? 186 HOH A O   1 
HETATM 711 O O   . HOH B 2 .  ? -0.594  2.131   -25.674 1.00 90.45  ? 187 HOH A O   1 
HETATM 712 O O   . HOH B 2 .  ? -9.437  13.417  -0.519  1.00 91.38  ? 188 HOH A O   1 
HETATM 713 O O   . HOH B 2 .  ? 3.882   -4.217  17.922  1.00 85.86  ? 189 HOH A O   1 
# 
loop_
_atom_site_anisotrop.id 
_atom_site_anisotrop.type_symbol 
_atom_site_anisotrop.pdbx_label_atom_id 
_atom_site_anisotrop.pdbx_label_alt_id 
_atom_site_anisotrop.pdbx_label_comp_id 
_atom_site_anisotrop.pdbx_label_asym_id 
_atom_site_anisotrop.pdbx_label_seq_id 
_atom_site_anisotrop.pdbx_PDB_ins_code 
_atom_site_anisotrop.U[1][1] 
_atom_site_anisotrop.U[2][2] 
_atom_site_anisotrop.U[3][3] 
_atom_site_anisotrop.U[1][2] 
_atom_site_anisotrop.U[1][3] 
_atom_site_anisotrop.U[2][3] 
_atom_site_anisotrop.pdbx_auth_seq_id 
_atom_site_anisotrop.pdbx_auth_comp_id 
_atom_site_anisotrop.pdbx_auth_asym_id 
_atom_site_anisotrop.pdbx_auth_atom_id 
78  S SG . CYS A 11 ? 0.3573 0.1582 0.2446 -0.0435 -0.0039 0.0794 11 CYS A SG 
84  S SG . CYS A 12 ? 0.3898 0.2241 0.2457 -0.0878 0.0475  0.0677 12 CYS A SG 
288 S SG . CYS A 36 ? 0.3547 0.1666 0.2383 -0.0731 0.0087  0.0529 36 CYS A SG 
415 S SG . CYS A 52 ? 0.4507 0.2277 0.2575 -0.1274 0.0563  0.0586 52 CYS A SG 
# 
